data_9FX3
#
_entry.id   9FX3
#
_cell.length_a   1.00
_cell.length_b   1.00
_cell.length_c   1.00
_cell.angle_alpha   90.00
_cell.angle_beta   90.00
_cell.angle_gamma   90.00
#
_symmetry.space_group_name_H-M   'P 1'
#
loop_
_entity.id
_entity.type
_entity.pdbx_description
1 polymer 'CD109 antigen'
2 branched 2-acetamido-2-deoxy-beta-D-glucopyranose-(1-4)-2-acetamido-2-deoxy-beta-D-glucopyranose
3 non-polymer 2-acetamido-2-deoxy-beta-D-glucopyranose
#
_entity_poly.entity_id   1
_entity_poly.type   'polypeptide(L)'
_entity_poly.pdbx_seq_one_letter_code
;SGSVAPGPRFLVTAPGIIRPGGNVTIGVELLEHCPSQVTVKAELLKTASNLTVSVLEAEGVFEKGSFKTLTLPSLPLNSA
DEIYELRVTGRTQDEILFSNSTRLSFETKRISVFIQTDKALYKPKQEVKFRIVTLFSDFKPYKTSLNILIKDPKSNLIQQ
WLSQQSDLGVISKTFQLSSHPILGDWSIQVQVNDQTYYQSFQVSEYVLPKFEVTLQTPLYCSMNSKHLNGTITAKYTYGK
PVKGDVTLTFLPLSFWGKKKNITKTFKINGSANFSFNDEEMKNVMDSSNGLSEYLDLSSPGPVEILTTVTESVTGISRNV
STNVFFKQHDYIIEFFDYTTVLKPSLNFTATVKVTRADGNQLTLEERRNNVVITVTQRNYTEYWSGSNSGNQKMEAVQKI
NYTVPQSGTFKIEFPILEDSSELQLKAYFLGSKSSMAVHSLFKSPSKTYIQLKTRDENIKVGSPFELVVSGNKRLKELSY
MVVSRGQLVAVGKQNSTMFSLTPENSWTPKACVIVYYIEDDGEIISDVLKIPVQLVFKNKIKLYWSKVKAEPSEKVSLRI
SVTQPDSIVGIVAVDKSVNLMNASNDITMENVVHELELYNTGYYLGMFMNSFAVFQECGLWVLTDANLTKDYIDGVYDNA
EYAERENLYFQGHIVDIHDFSLGSSPHVRKHFPETWIWLDTNMGYRIYQEFEVTVPDSITSWVATGFVISEDLGLGLTTT
PVELQAFQPFFIFLNLPYSVIRGEEFALEITIFNYLKDATEVKVIIEKSDKFDILMTSNEINATGHQQTLLVPSEDGATV
LFPIRPTHLGEIPITVTALSPTASDAVTQMILVKAEGIEKSYSQSILLDLTDNRLQSTLKTLSFSFPPNTVTGSERVQIT
AIGDVLGPSINGLASLIRMPYGCGEQNMINFAPNIYILDYLTKKKQLTDNLKEKALSFMRQGYQRELLYQREDGSFSAFG
NYDPSGSTWLSAFVLRCFLEADPYIDIDQNVLHRTYTWLKGHQKSNGEFWDPGRVIHSELQGGNKSPVTLTAYIVTSLLG
YRKYQPNIDVQESIHFLESEFSRGISDNYTLALITYALSSVGSPKAKEALNMLTWRAEQEGGMQFWVSSESKLSDSWQPR
SLDIEVAAYALLSHFLQFQTSEGIPIMRWLSRQRNSLGGFASTQDTTVALKALSEFAALMNTERTNIQVTVTGPSSPSPV
KFLIDTHNRLLLQTAELAVVQPTAVNISANGFGFAICQLNVVYNVKASGSSRR
;
_entity_poly.pdbx_strand_id   A
#
loop_
_chem_comp.id
_chem_comp.type
_chem_comp.name
_chem_comp.formula
NAG D-saccharide, beta linking 2-acetamido-2-deoxy-beta-D-glucopyranose 'C8 H15 N O6'
#
# COMPACT_ATOMS: atom_id res chain seq x y z
N ALA A 5 56.63 -16.95 -10.66
CA ALA A 5 56.13 -15.63 -10.33
C ALA A 5 54.93 -15.73 -9.37
N PRO A 6 55.20 -15.75 -8.07
CA PRO A 6 54.09 -15.81 -7.10
C PRO A 6 53.46 -14.43 -6.92
N GLY A 7 52.13 -14.43 -6.83
CA GLY A 7 51.40 -13.20 -6.62
C GLY A 7 49.95 -13.29 -7.04
N PRO A 8 49.28 -12.14 -7.08
CA PRO A 8 47.87 -12.12 -7.50
C PRO A 8 47.72 -12.35 -9.00
N ARG A 9 46.71 -13.13 -9.37
CA ARG A 9 46.47 -13.47 -10.76
C ARG A 9 45.14 -12.97 -11.30
N PHE A 10 44.08 -13.03 -10.51
CA PHE A 10 42.74 -12.74 -11.02
C PHE A 10 41.91 -12.07 -9.94
N LEU A 11 40.87 -11.36 -10.37
CA LEU A 11 39.91 -10.76 -9.45
C LEU A 11 38.57 -10.67 -10.18
N VAL A 12 37.59 -11.46 -9.74
CA VAL A 12 36.28 -11.53 -10.38
C VAL A 12 35.23 -11.10 -9.38
N THR A 13 34.47 -10.06 -9.73
CA THR A 13 33.42 -9.54 -8.87
C THR A 13 32.07 -9.78 -9.55
N ALA A 14 31.16 -10.44 -8.85
CA ALA A 14 29.83 -10.69 -9.35
C ALA A 14 28.80 -10.29 -8.30
N PRO A 15 27.68 -9.69 -8.70
CA PRO A 15 26.71 -9.25 -7.69
C PRO A 15 25.92 -10.42 -7.12
N GLY A 16 25.55 -10.27 -5.85
CA GLY A 16 24.85 -11.32 -5.14
C GLY A 16 23.36 -11.38 -5.34
N ILE A 17 22.79 -10.45 -6.12
CA ILE A 17 21.36 -10.45 -6.39
C ILE A 17 21.13 -10.70 -7.87
N ILE A 18 19.90 -11.07 -8.19
CA ILE A 18 19.48 -11.24 -9.58
C ILE A 18 18.02 -10.83 -9.68
N ARG A 19 17.71 -9.95 -10.64
CA ARG A 19 16.32 -9.60 -10.91
C ARG A 19 15.96 -10.04 -12.32
N PRO A 20 14.71 -10.40 -12.57
CA PRO A 20 14.29 -10.70 -13.93
C PRO A 20 14.28 -9.45 -14.80
N GLY A 21 14.70 -9.60 -16.04
CA GLY A 21 14.82 -8.48 -16.95
C GLY A 21 16.09 -7.68 -16.81
N GLY A 22 16.96 -8.05 -15.88
CA GLY A 22 18.23 -7.36 -15.72
C GLY A 22 19.41 -8.28 -15.97
N ASN A 23 20.39 -7.80 -16.72
CA ASN A 23 21.54 -8.62 -17.07
C ASN A 23 22.47 -8.78 -15.87
N VAL A 24 22.84 -10.01 -15.57
CA VAL A 24 23.77 -10.30 -14.49
C VAL A 24 25.18 -10.06 -15.02
N THR A 25 25.72 -8.87 -14.77
CA THR A 25 27.02 -8.47 -15.30
C THR A 25 28.08 -8.69 -14.23
N ILE A 26 29.10 -9.48 -14.57
CA ILE A 26 30.23 -9.70 -13.70
C ILE A 26 31.44 -8.96 -14.28
N GLY A 27 32.42 -8.71 -13.44
CA GLY A 27 33.62 -8.02 -13.86
C GLY A 27 34.86 -8.84 -13.60
N VAL A 28 35.71 -8.99 -14.62
CA VAL A 28 36.89 -9.85 -14.56
C VAL A 28 38.11 -8.97 -14.76
N GLU A 29 39.02 -9.00 -13.79
CA GLU A 29 40.32 -8.34 -13.91
C GLU A 29 41.41 -9.39 -13.89
N LEU A 30 42.32 -9.32 -14.86
CA LEU A 30 43.44 -10.23 -14.97
C LEU A 30 44.72 -9.49 -14.64
N LEU A 31 45.54 -10.07 -13.77
CA LEU A 31 46.66 -9.38 -13.14
C LEU A 31 47.99 -9.80 -13.79
N GLU A 32 49.09 -9.40 -13.15
CA GLU A 32 50.42 -9.59 -13.72
C GLU A 32 50.91 -11.04 -13.65
N HIS A 33 50.40 -11.85 -12.72
CA HIS A 33 50.89 -13.21 -12.54
C HIS A 33 50.01 -14.25 -13.19
N CYS A 34 49.15 -13.85 -14.11
CA CYS A 34 48.25 -14.74 -14.82
C CYS A 34 48.71 -14.93 -16.26
N PRO A 35 48.30 -16.03 -16.94
CA PRO A 35 48.68 -16.21 -18.36
C PRO A 35 48.03 -15.24 -19.33
N SER A 36 48.30 -15.43 -20.62
CA SER A 36 47.97 -14.42 -21.63
C SER A 36 46.47 -14.36 -21.90
N GLN A 37 45.80 -15.50 -22.01
CA GLN A 37 44.37 -15.52 -22.32
C GLN A 37 43.68 -16.52 -21.39
N VAL A 38 42.69 -16.04 -20.65
CA VAL A 38 41.91 -16.85 -19.74
C VAL A 38 40.46 -16.81 -20.20
N THR A 39 39.88 -17.98 -20.48
CA THR A 39 38.49 -18.08 -20.88
C THR A 39 37.61 -18.19 -19.64
N VAL A 40 36.68 -17.27 -19.48
CA VAL A 40 35.82 -17.20 -18.31
C VAL A 40 34.41 -17.56 -18.73
N LYS A 41 33.86 -18.61 -18.12
CA LYS A 41 32.49 -19.04 -18.37
C LYS A 41 31.68 -18.86 -17.10
N ALA A 42 30.59 -18.12 -17.21
CA ALA A 42 29.67 -17.90 -16.10
C ALA A 42 28.35 -18.60 -16.41
N GLU A 43 27.89 -19.43 -15.49
CA GLU A 43 26.66 -20.20 -15.66
C GLU A 43 25.69 -19.86 -14.54
N LEU A 44 24.42 -19.74 -14.90
CA LEU A 44 23.34 -19.55 -13.94
C LEU A 44 22.56 -20.85 -13.85
N LEU A 45 22.38 -21.37 -12.64
CA LEU A 45 21.73 -22.64 -12.41
C LEU A 45 20.51 -22.45 -11.53
N LYS A 46 19.42 -23.09 -11.90
CA LYS A 46 18.20 -23.11 -11.11
C LYS A 46 18.07 -24.46 -10.43
N THR A 47 17.88 -24.44 -9.12
CA THR A 47 17.81 -25.64 -8.29
C THR A 47 16.36 -25.86 -7.86
N ALA A 48 15.67 -26.76 -8.56
CA ALA A 48 14.29 -27.10 -8.25
C ALA A 48 14.18 -28.61 -8.07
N SER A 49 13.62 -29.02 -6.92
CA SER A 49 13.37 -30.42 -6.54
C SER A 49 14.65 -31.26 -6.57
N ASN A 50 15.76 -30.64 -6.12
CA ASN A 50 17.12 -31.18 -6.20
C ASN A 50 17.53 -31.54 -7.63
N LEU A 51 17.12 -30.71 -8.58
CA LEU A 51 17.66 -30.73 -9.93
C LEU A 51 18.27 -29.36 -10.23
N THR A 52 19.52 -29.35 -10.67
CA THR A 52 20.21 -28.12 -11.04
C THR A 52 20.25 -28.04 -12.56
N VAL A 53 19.51 -27.09 -13.12
CA VAL A 53 19.39 -26.92 -14.56
C VAL A 53 20.09 -25.62 -14.95
N SER A 54 20.99 -25.70 -15.93
CA SER A 54 21.71 -24.53 -16.42
C SER A 54 20.75 -23.70 -17.28
N VAL A 55 20.28 -22.59 -16.74
CA VAL A 55 19.32 -21.76 -17.46
C VAL A 55 20.03 -20.86 -18.46
N LEU A 56 20.96 -20.04 -17.97
CA LEU A 56 21.65 -19.06 -18.80
C LEU A 56 23.16 -19.24 -18.65
N GLU A 57 23.88 -18.91 -19.72
CA GLU A 57 25.33 -19.01 -19.71
C GLU A 57 25.92 -18.01 -20.69
N ALA A 58 27.18 -17.66 -20.45
CA ALA A 58 27.91 -16.80 -21.36
C ALA A 58 29.39 -17.15 -21.25
N GLU A 59 30.15 -16.79 -22.29
CA GLU A 59 31.56 -17.10 -22.36
C GLU A 59 32.31 -15.92 -22.96
N GLY A 60 33.57 -15.79 -22.59
CA GLY A 60 34.41 -14.74 -23.13
C GLY A 60 35.87 -15.03 -22.85
N VAL A 61 36.73 -14.39 -23.64
CA VAL A 61 38.18 -14.55 -23.53
C VAL A 61 38.75 -13.21 -23.11
N PHE A 62 39.46 -13.19 -21.99
CA PHE A 62 40.03 -11.98 -21.43
C PHE A 62 41.55 -12.03 -21.46
N GLU A 63 42.15 -10.87 -21.69
CA GLU A 63 43.59 -10.77 -21.81
C GLU A 63 44.21 -10.26 -20.51
N LYS A 64 45.53 -10.42 -20.41
CA LYS A 64 46.26 -10.04 -19.22
C LYS A 64 46.36 -8.53 -19.12
N GLY A 65 46.05 -7.99 -17.93
CA GLY A 65 46.13 -6.56 -17.70
C GLY A 65 44.93 -5.77 -18.15
N SER A 66 43.83 -6.42 -18.50
CA SER A 66 42.64 -5.75 -18.98
C SER A 66 41.49 -5.95 -18.01
N PHE A 67 40.70 -4.90 -17.80
CA PHE A 67 39.52 -4.93 -16.96
C PHE A 67 38.30 -4.81 -17.86
N LYS A 68 37.56 -5.92 -18.02
CA LYS A 68 36.40 -5.96 -18.88
C LYS A 68 35.27 -6.69 -18.17
N THR A 69 34.07 -6.53 -18.71
CA THR A 69 32.87 -7.14 -18.16
C THR A 69 32.47 -8.38 -18.94
N LEU A 70 31.99 -9.39 -18.23
CA LEU A 70 31.33 -10.54 -18.83
C LEU A 70 29.85 -10.44 -18.46
N THR A 71 29.01 -10.27 -19.47
CA THR A 71 27.59 -10.01 -19.27
C THR A 71 26.79 -11.24 -19.63
N LEU A 72 26.01 -11.75 -18.66
CA LEU A 72 25.09 -12.83 -18.93
C LEU A 72 23.90 -12.33 -19.74
N PRO A 73 23.21 -13.21 -20.46
CA PRO A 73 21.92 -12.84 -21.03
C PRO A 73 20.88 -12.62 -19.94
N SER A 74 19.83 -11.88 -20.32
CA SER A 74 18.83 -11.45 -19.36
C SER A 74 17.93 -12.61 -18.93
N LEU A 75 17.58 -12.63 -17.65
CA LEU A 75 16.60 -13.58 -17.17
C LEU A 75 15.22 -13.20 -17.71
N PRO A 76 14.40 -14.20 -18.08
CA PRO A 76 13.02 -13.89 -18.47
C PRO A 76 12.19 -13.40 -17.30
N LEU A 77 11.20 -12.58 -17.61
CA LEU A 77 10.37 -11.93 -16.60
C LEU A 77 9.34 -12.86 -15.98
N ASN A 78 9.16 -14.06 -16.52
CA ASN A 78 8.18 -15.01 -16.02
C ASN A 78 8.70 -15.85 -14.87
N SER A 79 9.95 -15.66 -14.45
CA SER A 79 10.56 -16.50 -13.43
C SER A 79 10.03 -16.15 -12.04
N ALA A 80 10.35 -17.01 -11.08
CA ALA A 80 9.86 -16.84 -9.72
C ALA A 80 10.98 -17.05 -8.71
N ASP A 81 10.63 -17.12 -7.42
CA ASP A 81 11.62 -17.21 -6.34
C ASP A 81 12.09 -18.66 -6.23
N GLU A 82 13.04 -19.01 -7.08
CA GLU A 82 13.72 -20.30 -7.02
C GLU A 82 15.15 -20.11 -6.56
N ILE A 83 15.81 -21.22 -6.27
CA ILE A 83 17.19 -21.19 -5.81
C ILE A 83 18.09 -20.98 -7.02
N TYR A 84 18.86 -19.89 -7.02
CA TYR A 84 19.71 -19.53 -8.14
C TYR A 84 21.17 -19.58 -7.70
N GLU A 85 22.00 -20.24 -8.50
CA GLU A 85 23.42 -20.36 -8.22
C GLU A 85 24.21 -19.80 -9.40
N LEU A 86 25.17 -18.94 -9.11
CA LEU A 86 26.06 -18.40 -10.11
C LEU A 86 27.41 -19.09 -9.99
N ARG A 87 27.85 -19.73 -11.07
CA ARG A 87 29.11 -20.47 -11.08
C ARG A 87 30.04 -19.82 -12.09
N VAL A 88 31.22 -19.42 -11.63
CA VAL A 88 32.23 -18.79 -12.48
C VAL A 88 33.41 -19.76 -12.59
N THR A 89 33.83 -20.02 -13.82
CA THR A 89 34.95 -20.90 -14.10
C THR A 89 35.89 -20.22 -15.08
N GLY A 90 37.10 -19.90 -14.62
CA GLY A 90 38.14 -19.36 -15.47
C GLY A 90 39.18 -20.44 -15.75
N ARG A 91 39.50 -20.59 -17.04
CA ARG A 91 40.29 -21.69 -17.54
C ARG A 91 41.41 -21.16 -18.44
N THR A 92 42.54 -21.85 -18.40
CA THR A 92 43.61 -21.58 -19.35
C THR A 92 43.45 -22.50 -20.55
N GLN A 93 44.47 -22.58 -21.40
CA GLN A 93 44.39 -23.41 -22.59
C GLN A 93 44.59 -24.90 -22.31
N ASP A 94 45.10 -25.27 -21.14
CA ASP A 94 45.26 -26.68 -20.80
C ASP A 94 44.86 -27.02 -19.38
N GLU A 95 44.40 -26.05 -18.58
CA GLU A 95 44.15 -26.28 -17.17
C GLU A 95 43.14 -25.24 -16.69
N ILE A 96 42.32 -25.64 -15.71
CA ILE A 96 41.45 -24.67 -15.06
C ILE A 96 42.29 -23.77 -14.16
N LEU A 97 41.78 -22.56 -13.93
CA LEU A 97 42.48 -21.61 -13.07
C LEU A 97 41.69 -21.25 -11.83
N PHE A 98 40.37 -21.13 -11.94
CA PHE A 98 39.48 -21.12 -10.78
C PHE A 98 38.12 -21.65 -11.21
N SER A 99 37.38 -22.19 -10.24
CA SER A 99 36.04 -22.70 -10.50
C SER A 99 35.28 -22.68 -9.19
N ASN A 100 34.38 -21.70 -9.03
CA ASN A 100 33.64 -21.56 -7.78
C ASN A 100 32.20 -21.17 -8.10
N SER A 101 31.38 -21.08 -7.06
CA SER A 101 29.97 -20.75 -7.24
C SER A 101 29.43 -20.13 -5.97
N THR A 102 28.27 -19.50 -6.08
CA THR A 102 27.59 -18.91 -4.94
C THR A 102 26.08 -18.96 -5.15
N ARG A 103 25.35 -18.67 -4.08
CA ARG A 103 23.91 -18.48 -4.14
C ARG A 103 23.60 -17.03 -4.47
N LEU A 104 22.41 -16.81 -5.03
CA LEU A 104 21.98 -15.48 -5.44
C LEU A 104 20.61 -15.19 -4.84
N SER A 105 20.47 -13.99 -4.27
CA SER A 105 19.17 -13.55 -3.77
C SER A 105 18.28 -13.11 -4.92
N PHE A 106 16.98 -13.29 -4.74
CA PHE A 106 15.99 -13.00 -5.77
C PHE A 106 15.17 -11.77 -5.37
N GLU A 107 14.95 -10.88 -6.33
CA GLU A 107 14.17 -9.67 -6.14
C GLU A 107 12.97 -9.69 -7.07
N THR A 108 11.78 -9.51 -6.49
CA THR A 108 10.55 -9.64 -7.26
C THR A 108 10.25 -8.46 -8.16
N LYS A 109 10.86 -7.30 -7.89
CA LYS A 109 10.56 -6.11 -8.67
C LYS A 109 11.37 -6.14 -9.96
N ARG A 110 10.68 -6.33 -11.08
CA ARG A 110 11.32 -6.44 -12.39
C ARG A 110 11.01 -5.27 -13.32
N ILE A 111 9.79 -4.74 -13.26
CA ILE A 111 9.37 -3.64 -14.12
C ILE A 111 8.76 -2.56 -13.24
N SER A 112 8.47 -1.41 -13.87
CA SER A 112 7.83 -0.29 -13.20
C SER A 112 6.43 -0.10 -13.76
N VAL A 113 5.49 0.22 -12.88
CA VAL A 113 4.12 0.51 -13.28
C VAL A 113 3.63 1.72 -12.53
N PHE A 114 2.84 2.54 -13.22
CA PHE A 114 2.22 3.72 -12.64
C PHE A 114 0.75 3.70 -12.97
N ILE A 115 -0.09 3.82 -11.95
CA ILE A 115 -1.53 3.89 -12.13
C ILE A 115 -1.94 5.32 -11.86
N GLN A 116 -2.37 6.03 -12.90
CA GLN A 116 -2.72 7.44 -12.79
C GLN A 116 -4.22 7.58 -12.95
N THR A 117 -4.90 7.89 -11.86
CA THR A 117 -6.28 8.33 -11.95
C THR A 117 -6.31 9.86 -12.01
N ASP A 118 -7.46 10.40 -12.45
CA ASP A 118 -7.57 11.84 -12.58
C ASP A 118 -7.70 12.53 -11.23
N LYS A 119 -8.23 11.83 -10.24
CA LYS A 119 -8.29 12.32 -8.87
C LYS A 119 -8.22 11.12 -7.94
N ALA A 120 -8.26 11.40 -6.64
CA ALA A 120 -8.28 10.34 -5.65
C ALA A 120 -9.53 10.31 -4.79
N LEU A 121 -10.32 11.38 -4.80
CA LEU A 121 -11.61 11.43 -4.12
C LEU A 121 -12.70 11.48 -5.17
N TYR A 122 -13.64 10.54 -5.10
CA TYR A 122 -14.69 10.42 -6.08
C TYR A 122 -16.06 10.46 -5.40
N LYS A 123 -16.96 11.25 -5.96
CA LYS A 123 -18.35 11.21 -5.55
C LYS A 123 -19.02 9.98 -6.12
N PRO A 124 -20.14 9.55 -5.54
CA PRO A 124 -21.00 8.58 -6.21
C PRO A 124 -21.59 9.14 -7.49
N LYS A 125 -21.94 8.22 -8.40
CA LYS A 125 -22.41 8.49 -9.77
C LYS A 125 -21.42 9.34 -10.56
N GLN A 126 -20.13 9.05 -10.39
CA GLN A 126 -19.07 9.68 -11.15
C GLN A 126 -18.38 8.62 -12.00
N GLU A 127 -17.33 9.06 -12.71
CA GLU A 127 -16.60 8.19 -13.62
C GLU A 127 -15.12 8.26 -13.31
N VAL A 128 -14.51 7.11 -13.08
CA VAL A 128 -13.07 7.02 -12.81
C VAL A 128 -12.37 6.82 -14.15
N LYS A 129 -11.49 7.74 -14.50
CA LYS A 129 -10.66 7.62 -15.68
C LYS A 129 -9.23 7.40 -15.23
N PHE A 130 -8.59 6.34 -15.75
CA PHE A 130 -7.25 6.01 -15.29
C PHE A 130 -6.40 5.52 -16.45
N ARG A 131 -5.10 5.57 -16.23
CA ARG A 131 -4.10 5.07 -17.15
C ARG A 131 -3.17 4.13 -16.41
N ILE A 132 -2.83 3.03 -17.06
CA ILE A 132 -1.81 2.11 -16.59
C ILE A 132 -0.59 2.29 -17.47
N VAL A 133 0.55 2.61 -16.86
CA VAL A 133 1.80 2.86 -17.56
C VAL A 133 2.78 1.78 -17.15
N THR A 134 3.22 0.98 -18.12
CA THR A 134 4.15 -0.11 -17.88
C THR A 134 5.48 0.22 -18.54
N LEU A 135 6.53 0.31 -17.73
CA LEU A 135 7.85 0.67 -18.20
C LEU A 135 8.87 -0.35 -17.71
N PHE A 136 10.02 -0.37 -18.39
CA PHE A 136 11.13 -1.24 -18.04
C PHE A 136 11.93 -0.64 -16.88
N SER A 137 13.10 -1.23 -16.60
CA SER A 137 13.97 -0.67 -15.57
C SER A 137 14.67 0.59 -16.05
N ASP A 138 14.92 0.70 -17.36
CA ASP A 138 15.47 1.91 -17.96
C ASP A 138 14.39 2.78 -18.58
N PHE A 139 13.14 2.61 -18.14
CA PHE A 139 11.97 3.45 -18.41
C PHE A 139 11.56 3.48 -19.88
N LYS A 140 12.00 2.50 -20.68
CA LYS A 140 11.43 2.32 -22.00
C LYS A 140 10.04 1.68 -21.86
N PRO A 141 9.13 1.95 -22.80
CA PRO A 141 7.79 1.37 -22.72
C PRO A 141 7.79 -0.15 -22.92
N TYR A 142 6.86 -0.81 -22.24
CA TYR A 142 6.79 -2.26 -22.17
C TYR A 142 5.46 -2.71 -22.77
N LYS A 143 5.53 -3.59 -23.75
CA LYS A 143 4.34 -4.13 -24.41
C LYS A 143 4.10 -5.54 -23.88
N THR A 144 2.94 -5.74 -23.25
CA THR A 144 2.66 -6.99 -22.57
C THR A 144 1.16 -7.19 -22.46
N SER A 145 0.76 -8.42 -22.14
CA SER A 145 -0.62 -8.75 -21.82
C SER A 145 -0.79 -8.70 -20.30
N LEU A 146 -1.95 -8.20 -19.86
CA LEU A 146 -2.15 -7.88 -18.46
C LEU A 146 -3.64 -7.87 -18.16
N ASN A 147 -3.96 -7.93 -16.87
CA ASN A 147 -5.33 -7.90 -16.39
C ASN A 147 -5.54 -6.72 -15.45
N ILE A 148 -6.68 -6.05 -15.59
CA ILE A 148 -7.03 -4.92 -14.74
C ILE A 148 -8.26 -5.32 -13.93
N LEU A 149 -8.22 -5.06 -12.62
CA LEU A 149 -9.25 -5.52 -11.70
C LEU A 149 -9.60 -4.39 -10.73
N ILE A 150 -10.86 -3.97 -10.73
CA ILE A 150 -11.33 -2.90 -9.85
C ILE A 150 -12.26 -3.52 -8.82
N LYS A 151 -11.91 -3.33 -7.54
CA LYS A 151 -12.59 -3.94 -6.41
C LYS A 151 -12.98 -2.90 -5.39
N ASP A 152 -14.02 -3.23 -4.61
CA ASP A 152 -14.54 -2.37 -3.55
C ASP A 152 -13.69 -2.53 -2.29
N PRO A 153 -13.95 -1.75 -1.23
CA PRO A 153 -13.32 -2.07 0.07
C PRO A 153 -13.69 -3.42 0.66
N LYS A 154 -14.81 -4.02 0.25
CA LYS A 154 -15.15 -5.37 0.66
C LYS A 154 -14.52 -6.42 -0.24
N SER A 155 -13.68 -6.00 -1.19
CA SER A 155 -12.81 -6.83 -2.04
C SER A 155 -13.57 -7.77 -2.95
N ASN A 156 -14.82 -7.46 -3.29
CA ASN A 156 -15.50 -8.16 -4.36
C ASN A 156 -15.03 -7.60 -5.70
N LEU A 157 -14.81 -8.49 -6.66
CA LEU A 157 -14.37 -8.06 -7.98
C LEU A 157 -15.55 -7.46 -8.73
N ILE A 158 -15.50 -6.16 -8.97
CA ILE A 158 -16.59 -5.45 -9.61
C ILE A 158 -16.34 -5.23 -11.10
N GLN A 159 -15.14 -4.81 -11.48
CA GLN A 159 -14.85 -4.65 -12.90
C GLN A 159 -13.55 -5.35 -13.25
N GLN A 160 -13.50 -5.97 -14.42
CA GLN A 160 -12.24 -6.57 -14.86
C GLN A 160 -12.10 -6.44 -16.37
N TRP A 161 -10.86 -6.28 -16.80
CA TRP A 161 -10.47 -6.36 -18.20
C TRP A 161 -9.38 -7.41 -18.31
N LEU A 162 -9.57 -8.37 -19.19
CA LEU A 162 -8.68 -9.53 -19.30
C LEU A 162 -7.88 -9.45 -20.59
N SER A 163 -6.56 -9.63 -20.46
CA SER A 163 -5.60 -9.76 -21.57
C SER A 163 -5.59 -8.52 -22.47
N GLN A 164 -5.52 -7.35 -21.85
CA GLN A 164 -5.40 -6.11 -22.61
C GLN A 164 -3.99 -5.96 -23.16
N GLN A 165 -3.86 -5.21 -24.24
CA GLN A 165 -2.58 -4.94 -24.88
C GLN A 165 -2.25 -3.47 -24.77
N SER A 166 -1.00 -3.17 -24.46
CA SER A 166 -0.56 -1.80 -24.23
C SER A 166 0.02 -1.23 -25.51
N ASP A 167 -0.53 -0.10 -25.96
CA ASP A 167 0.02 0.62 -27.10
C ASP A 167 1.05 1.61 -26.56
N LEU A 168 2.34 1.26 -26.72
CA LEU A 168 3.50 1.99 -26.21
C LEU A 168 3.44 2.20 -24.70
N GLY A 169 2.92 1.21 -23.98
CA GLY A 169 2.95 1.20 -22.54
C GLY A 169 1.79 1.86 -21.85
N VAL A 170 1.01 2.69 -22.53
CA VAL A 170 -0.07 3.44 -21.93
C VAL A 170 -1.39 2.74 -22.22
N ILE A 171 -2.19 2.54 -21.17
CA ILE A 171 -3.53 1.96 -21.30
C ILE A 171 -4.51 2.94 -20.67
N SER A 172 -5.46 3.42 -21.46
CA SER A 172 -6.46 4.37 -21.00
C SER A 172 -7.78 3.64 -20.81
N LYS A 173 -8.33 3.68 -19.60
CA LYS A 173 -9.56 2.97 -19.30
C LYS A 173 -10.46 3.87 -18.45
N THR A 174 -11.75 3.54 -18.47
CA THR A 174 -12.76 4.25 -17.71
C THR A 174 -13.63 3.25 -16.96
N PHE A 175 -14.27 3.73 -15.90
CA PHE A 175 -15.09 2.87 -15.04
C PHE A 175 -16.17 3.72 -14.41
N GLN A 176 -17.43 3.43 -14.71
CA GLN A 176 -18.55 4.19 -14.18
C GLN A 176 -19.00 3.60 -12.85
N LEU A 177 -19.05 4.42 -11.82
CA LEU A 177 -19.51 3.96 -10.52
C LEU A 177 -21.02 3.83 -10.50
N SER A 178 -21.53 3.17 -9.47
CA SER A 178 -22.96 2.99 -9.32
C SER A 178 -23.59 4.21 -8.68
N SER A 179 -24.91 4.17 -8.49
CA SER A 179 -25.60 5.28 -7.84
C SER A 179 -25.32 5.31 -6.35
N HIS A 180 -25.28 4.15 -5.71
CA HIS A 180 -24.96 4.02 -4.28
C HIS A 180 -23.90 2.96 -4.12
N PRO A 181 -22.62 3.30 -4.31
CA PRO A 181 -21.56 2.30 -4.16
C PRO A 181 -21.08 2.18 -2.73
N ILE A 182 -20.14 1.25 -2.49
CA ILE A 182 -19.59 1.06 -1.16
C ILE A 182 -18.53 2.12 -0.93
N LEU A 183 -18.73 2.95 0.09
CA LEU A 183 -17.83 4.05 0.38
C LEU A 183 -16.55 3.55 1.05
N GLY A 184 -15.42 4.13 0.67
CA GLY A 184 -14.15 3.75 1.25
C GLY A 184 -13.08 3.69 0.19
N ASP A 185 -11.99 2.96 0.49
CA ASP A 185 -10.83 2.89 -0.38
C ASP A 185 -10.99 1.74 -1.37
N TRP A 186 -11.46 2.07 -2.57
CA TRP A 186 -11.50 1.10 -3.66
C TRP A 186 -10.09 0.84 -4.16
N SER A 187 -9.91 -0.30 -4.81
CA SER A 187 -8.58 -0.72 -5.26
C SER A 187 -8.59 -1.04 -6.75
N ILE A 188 -7.56 -0.59 -7.45
CA ILE A 188 -7.27 -0.96 -8.83
C ILE A 188 -6.02 -1.82 -8.79
N GLN A 189 -6.14 -3.06 -9.26
CA GLN A 189 -5.04 -4.01 -9.28
C GLN A 189 -4.71 -4.36 -10.71
N VAL A 190 -3.41 -4.45 -10.99
CA VAL A 190 -2.91 -4.81 -12.31
C VAL A 190 -2.10 -6.09 -12.15
N GLN A 191 -2.54 -7.14 -12.83
CA GLN A 191 -1.86 -8.43 -12.81
C GLN A 191 -1.03 -8.58 -14.08
N VAL A 192 0.12 -7.91 -14.08
CA VAL A 192 1.00 -7.93 -15.24
C VAL A 192 2.10 -8.95 -14.98
N ASN A 193 2.36 -9.79 -16.01
CA ASN A 193 3.22 -10.97 -15.97
C ASN A 193 2.74 -11.94 -14.90
N ASP A 194 3.46 -12.01 -13.78
CA ASP A 194 3.02 -12.79 -12.63
C ASP A 194 2.98 -11.96 -11.35
N GLN A 195 2.90 -10.64 -11.49
CA GLN A 195 2.94 -9.73 -10.36
C GLN A 195 1.69 -8.87 -10.33
N THR A 196 1.15 -8.69 -9.12
CA THR A 196 -0.01 -7.84 -8.90
C THR A 196 0.44 -6.53 -8.27
N TYR A 197 -0.04 -5.42 -8.82
CA TYR A 197 0.28 -4.09 -8.34
C TYR A 197 -1.00 -3.35 -7.99
N TYR A 198 -0.96 -2.57 -6.92
CA TYR A 198 -2.16 -2.01 -6.32
C TYR A 198 -2.14 -0.49 -6.36
N GLN A 199 -3.33 0.09 -6.42
CA GLN A 199 -3.49 1.54 -6.33
C GLN A 199 -4.86 1.82 -5.72
N SER A 200 -4.88 2.53 -4.60
CA SER A 200 -6.11 2.77 -3.85
C SER A 200 -6.63 4.17 -4.16
N PHE A 201 -7.92 4.27 -4.45
CA PHE A 201 -8.59 5.55 -4.61
C PHE A 201 -9.85 5.57 -3.75
N GLN A 202 -10.12 6.71 -3.12
CA GLN A 202 -11.21 6.82 -2.18
C GLN A 202 -12.48 7.28 -2.86
N VAL A 203 -13.59 6.63 -2.50
CA VAL A 203 -14.92 7.03 -2.93
C VAL A 203 -15.68 7.44 -1.67
N SER A 204 -16.04 8.71 -1.58
CA SER A 204 -16.68 9.24 -0.39
C SER A 204 -17.64 10.35 -0.81
N GLU A 205 -18.29 10.95 0.19
CA GLU A 205 -19.18 12.09 -0.01
C GLU A 205 -18.45 13.34 0.47
N TYR A 206 -18.17 14.26 -0.46
CA TYR A 206 -17.36 15.42 -0.13
C TYR A 206 -17.83 16.61 -0.94
N VAL A 207 -17.58 17.80 -0.40
CA VAL A 207 -17.81 19.06 -1.10
C VAL A 207 -16.44 19.70 -1.35
N LEU A 208 -16.26 20.23 -2.56
CA LEU A 208 -14.97 20.78 -2.94
C LEU A 208 -14.73 22.13 -2.25
N PRO A 209 -13.61 22.32 -1.57
CA PRO A 209 -13.33 23.61 -0.95
C PRO A 209 -12.90 24.64 -1.98
N LYS A 210 -13.25 25.90 -1.70
CA LYS A 210 -12.96 26.98 -2.63
C LYS A 210 -11.71 27.77 -2.25
N PHE A 211 -11.03 27.42 -1.16
CA PHE A 211 -9.84 28.15 -0.77
C PHE A 211 -8.88 27.21 -0.03
N GLU A 212 -7.64 27.66 0.07
CA GLU A 212 -6.58 26.92 0.74
C GLU A 212 -5.97 27.76 1.84
N VAL A 213 -5.46 27.07 2.86
CA VAL A 213 -4.77 27.69 3.99
C VAL A 213 -3.32 27.21 3.97
N THR A 214 -2.39 28.16 3.99
CA THR A 214 -0.98 27.85 4.13
C THR A 214 -0.45 28.55 5.37
N LEU A 215 0.35 27.83 6.15
CA LEU A 215 0.85 28.30 7.44
C LEU A 215 2.36 28.30 7.39
N GLN A 216 2.94 29.48 7.15
CA GLN A 216 4.39 29.64 7.07
C GLN A 216 4.92 29.91 8.47
N THR A 217 5.57 28.91 9.06
CA THR A 217 6.18 28.99 10.38
C THR A 217 7.59 28.42 10.31
N PRO A 218 8.50 28.91 11.17
CA PRO A 218 9.80 28.25 11.30
C PRO A 218 9.67 26.86 11.90
N LEU A 219 10.54 25.96 11.46
CA LEU A 219 10.48 24.59 11.93
C LEU A 219 11.04 24.45 13.34
N TYR A 220 11.95 25.33 13.73
CA TYR A 220 12.56 25.30 15.05
C TYR A 220 12.32 26.63 15.75
N CYS A 221 12.31 26.59 17.09
CA CYS A 221 12.14 27.79 17.89
C CYS A 221 12.93 27.63 19.17
N SER A 222 13.74 28.63 19.49
CA SER A 222 14.55 28.59 20.70
C SER A 222 13.72 28.95 21.91
N MET A 223 14.11 28.38 23.06
CA MET A 223 13.47 28.74 24.32
C MET A 223 13.82 30.16 24.75
N ASN A 224 15.01 30.63 24.39
CA ASN A 224 15.42 31.99 24.70
C ASN A 224 14.94 33.01 23.68
N SER A 225 14.25 32.57 22.63
CA SER A 225 13.68 33.48 21.65
C SER A 225 12.48 34.21 22.27
N LYS A 226 12.44 35.53 22.09
CA LYS A 226 11.41 36.33 22.74
C LYS A 226 10.06 36.17 22.05
N HIS A 227 10.05 36.03 20.73
CA HIS A 227 8.82 35.95 19.97
C HIS A 227 8.89 34.82 18.96
N LEU A 228 7.82 34.03 18.90
CA LEU A 228 7.62 33.06 17.83
C LEU A 228 6.64 33.66 16.83
N ASN A 229 7.09 33.85 15.60
CA ASN A 229 6.31 34.54 14.58
C ASN A 229 5.90 33.58 13.47
N GLY A 230 4.86 33.96 12.76
CA GLY A 230 4.40 33.15 11.64
C GLY A 230 3.41 33.92 10.79
N THR A 231 3.12 33.33 9.62
CA THR A 231 2.22 33.94 8.65
C THR A 231 1.14 32.95 8.27
N ILE A 232 -0.10 33.43 8.18
CA ILE A 232 -1.24 32.64 7.73
C ILE A 232 -1.72 33.25 6.43
N THR A 233 -1.80 32.43 5.39
CA THR A 233 -2.28 32.89 4.08
C THR A 233 -3.47 32.03 3.67
N ALA A 234 -4.66 32.62 3.69
CA ALA A 234 -5.87 31.98 3.19
C ALA A 234 -6.19 32.58 1.83
N LYS A 235 -6.14 31.76 0.79
CA LYS A 235 -6.25 32.25 -0.57
C LYS A 235 -7.22 31.38 -1.36
N TYR A 236 -8.04 32.02 -2.19
CA TYR A 236 -8.99 31.30 -3.02
C TYR A 236 -8.28 30.54 -4.13
N THR A 237 -9.03 29.66 -4.79
CA THR A 237 -8.48 28.93 -5.93
C THR A 237 -8.26 29.85 -7.13
N TYR A 238 -9.11 30.85 -7.31
CA TYR A 238 -9.00 31.76 -8.44
C TYR A 238 -8.08 32.94 -8.16
N GLY A 239 -7.37 32.94 -7.04
CA GLY A 239 -6.32 33.91 -6.78
C GLY A 239 -6.71 35.08 -5.92
N LYS A 240 -8.00 35.28 -5.68
CA LYS A 240 -8.43 36.42 -4.87
C LYS A 240 -8.20 36.14 -3.39
N PRO A 241 -7.93 37.17 -2.59
CA PRO A 241 -7.75 36.97 -1.15
C PRO A 241 -9.05 36.63 -0.45
N VAL A 242 -8.92 36.02 0.72
CA VAL A 242 -10.05 35.54 1.51
C VAL A 242 -10.21 36.47 2.71
N LYS A 243 -11.40 37.03 2.86
CA LYS A 243 -11.76 37.82 4.03
C LYS A 243 -12.48 36.92 5.02
N GLY A 244 -11.96 36.80 6.22
CA GLY A 244 -12.58 35.93 7.18
C GLY A 244 -11.97 36.06 8.56
N ASP A 245 -12.24 35.05 9.39
CA ASP A 245 -11.75 35.01 10.75
C ASP A 245 -10.83 33.81 10.93
N VAL A 246 -9.88 33.94 11.84
CA VAL A 246 -8.94 32.87 12.16
C VAL A 246 -9.00 32.57 13.65
N THR A 247 -9.09 31.29 13.97
CA THR A 247 -8.89 30.77 15.31
C THR A 247 -7.60 29.98 15.33
N LEU A 248 -6.70 30.35 16.24
CA LEU A 248 -5.32 29.86 16.24
C LEU A 248 -5.06 29.18 17.58
N THR A 249 -4.87 27.87 17.54
CA THR A 249 -4.62 27.06 18.73
C THR A 249 -3.15 26.68 18.75
N PHE A 250 -2.42 27.22 19.72
CA PHE A 250 -1.03 26.86 19.97
C PHE A 250 -1.05 25.89 21.14
N LEU A 251 -0.85 24.61 20.83
CA LEU A 251 -1.09 23.52 21.77
C LEU A 251 0.19 22.74 22.01
N PRO A 252 0.71 22.68 23.23
CA PRO A 252 1.85 21.78 23.50
C PRO A 252 1.41 20.34 23.52
N LEU A 253 2.25 19.46 22.96
CA LEU A 253 1.97 18.03 22.87
C LEU A 253 2.52 17.25 24.04
N SER A 254 2.69 17.89 25.21
CA SER A 254 3.19 17.20 26.39
C SER A 254 2.06 16.37 27.01
N PHE A 255 2.23 15.06 27.01
CA PHE A 255 1.24 14.16 27.58
C PHE A 255 1.31 14.10 29.11
N TRP A 256 2.39 14.60 29.71
CA TRP A 256 2.46 14.66 31.17
C TRP A 256 1.54 15.73 31.73
N GLY A 257 1.46 16.87 31.06
CA GLY A 257 0.61 17.96 31.50
C GLY A 257 -0.81 17.82 31.01
N LYS A 258 -1.57 18.89 31.21
CA LYS A 258 -2.97 18.96 30.80
C LYS A 258 -3.06 19.47 29.37
N LYS A 259 -4.26 19.85 28.94
CA LYS A 259 -4.50 20.35 27.58
C LYS A 259 -4.56 21.87 27.55
N LYS A 260 -3.69 22.50 28.32
CA LYS A 260 -3.54 23.98 28.27
C LYS A 260 -3.12 24.40 26.85
N ASN A 261 -3.76 25.42 26.28
CA ASN A 261 -3.49 25.86 24.87
C ASN A 261 -3.80 27.35 24.69
N ILE A 262 -2.92 28.06 23.97
CA ILE A 262 -3.16 29.50 23.68
C ILE A 262 -4.10 29.62 22.48
N THR A 263 -5.01 30.39 22.78
CA THR A 263 -5.98 30.58 21.66
C THR A 263 -5.96 32.04 21.21
N LYS A 264 -5.96 32.28 19.90
CA LYS A 264 -5.94 33.64 19.35
C LYS A 264 -6.96 33.72 18.23
N THR A 265 -7.96 34.57 18.39
CA THR A 265 -9.01 34.74 17.39
C THR A 265 -8.94 36.15 16.83
N PHE A 266 -8.73 36.27 15.53
CA PHE A 266 -8.63 37.59 14.92
C PHE A 266 -9.10 37.51 13.47
N LYS A 267 -8.80 38.54 12.69
CA LYS A 267 -9.34 38.69 11.34
C LYS A 267 -8.23 38.57 10.30
N ILE A 268 -8.58 38.06 9.13
CA ILE A 268 -7.63 37.81 8.05
C ILE A 268 -8.21 38.38 6.76
N ASN A 269 -7.37 39.08 5.99
CA ASN A 269 -7.68 39.54 4.64
C ASN A 269 -6.49 39.14 3.78
N GLY A 270 -6.52 37.92 3.28
CA GLY A 270 -5.43 37.41 2.47
C GLY A 270 -4.30 36.80 3.28
N SER A 271 -3.53 37.65 3.96
CA SER A 271 -2.42 37.21 4.79
C SER A 271 -2.45 37.94 6.11
N ALA A 272 -2.01 37.25 7.16
CA ALA A 272 -1.98 37.83 8.50
C ALA A 272 -0.82 37.27 9.28
N ASN A 273 -0.13 38.13 10.02
CA ASN A 273 1.01 37.73 10.83
C ASN A 273 0.57 37.51 12.27
N PHE A 274 1.15 36.52 12.93
CA PHE A 274 0.91 36.26 14.34
C PHE A 274 2.23 36.08 15.06
N SER A 275 2.21 36.36 16.36
CA SER A 275 3.39 36.24 17.20
C SER A 275 2.98 35.88 18.62
N PHE A 276 3.76 34.99 19.23
CA PHE A 276 3.59 34.60 20.63
C PHE A 276 4.82 35.01 21.41
N ASN A 277 4.61 35.71 22.52
CA ASN A 277 5.69 36.08 23.42
C ASN A 277 5.81 35.05 24.54
N ASP A 278 6.78 35.26 25.43
CA ASP A 278 7.15 34.28 26.47
C ASP A 278 6.05 34.04 27.49
N GLU A 279 5.12 35.00 27.64
CA GLU A 279 3.92 34.80 28.45
C GLU A 279 2.87 33.94 27.75
N GLU A 280 3.12 33.49 26.52
CA GLU A 280 2.26 32.54 25.85
C GLU A 280 2.87 31.14 25.73
N MET A 281 4.19 30.99 25.92
CA MET A 281 4.76 29.68 26.17
C MET A 281 5.12 29.46 27.64
N LYS A 282 4.70 30.36 28.53
CA LYS A 282 4.86 30.13 29.97
C LYS A 282 4.03 28.95 30.47
N ASN A 283 2.93 28.60 29.79
CA ASN A 283 2.26 27.34 30.04
C ASN A 283 2.93 26.18 29.32
N VAL A 284 3.80 26.47 28.35
CA VAL A 284 4.40 25.40 27.56
C VAL A 284 5.59 24.79 28.28
N MET A 285 6.53 25.61 28.78
CA MET A 285 7.63 24.94 29.48
C MET A 285 7.26 24.55 30.90
N ASP A 286 6.13 25.05 31.41
CA ASP A 286 5.54 24.47 32.62
C ASP A 286 5.05 23.05 32.37
N SER A 287 4.46 22.81 31.19
CA SER A 287 3.93 21.49 30.89
C SER A 287 5.02 20.49 30.56
N SER A 288 6.14 20.95 29.99
CA SER A 288 7.23 20.04 29.63
C SER A 288 8.04 19.65 30.85
N SER A 298 13.09 18.84 31.76
CA SER A 298 13.78 17.97 30.80
C SER A 298 13.80 18.59 29.42
N SER A 299 14.00 17.75 28.40
CA SER A 299 14.04 18.24 27.02
C SER A 299 12.62 18.55 26.56
N PRO A 300 12.39 19.69 25.89
CA PRO A 300 11.05 20.01 25.42
C PRO A 300 10.64 19.20 24.21
N GLY A 301 9.35 18.94 24.10
CA GLY A 301 8.80 18.22 22.98
C GLY A 301 8.28 19.17 21.90
N PRO A 302 7.74 18.61 20.82
CA PRO A 302 7.17 19.46 19.77
C PRO A 302 5.81 20.01 20.18
N VAL A 303 5.43 21.10 19.52
CA VAL A 303 4.13 21.74 19.74
C VAL A 303 3.39 21.74 18.41
N GLU A 304 2.07 21.86 18.50
CA GLU A 304 1.20 21.86 17.33
C GLU A 304 0.52 23.22 17.22
N ILE A 305 0.65 23.83 16.05
CA ILE A 305 -0.01 25.09 15.74
C ILE A 305 -1.13 24.77 14.76
N LEU A 306 -2.37 25.00 15.18
CA LEU A 306 -3.56 24.66 14.40
C LEU A 306 -4.30 25.93 14.03
N THR A 307 -4.56 26.11 12.74
CA THR A 307 -5.23 27.28 12.21
C THR A 307 -6.57 26.86 11.64
N THR A 308 -7.63 27.52 12.08
CA THR A 308 -8.97 27.31 11.53
C THR A 308 -9.46 28.63 10.95
N VAL A 309 -9.55 28.71 9.63
CA VAL A 309 -10.02 29.91 8.94
C VAL A 309 -11.47 29.70 8.54
N THR A 310 -12.33 30.62 8.97
CA THR A 310 -13.73 30.62 8.60
C THR A 310 -13.96 31.78 7.66
N GLU A 311 -14.49 31.48 6.47
CA GLU A 311 -14.87 32.51 5.53
C GLU A 311 -16.06 33.29 6.08
N SER A 312 -15.95 34.61 6.09
CA SER A 312 -16.91 35.45 6.79
C SER A 312 -18.25 35.59 6.06
N VAL A 313 -18.32 35.20 4.79
CA VAL A 313 -19.56 35.34 4.04
C VAL A 313 -20.30 34.01 3.85
N THR A 314 -19.62 32.88 4.00
CA THR A 314 -20.25 31.57 3.84
C THR A 314 -20.26 30.73 5.09
N GLY A 315 -19.31 30.94 6.00
CA GLY A 315 -19.18 30.09 7.16
C GLY A 315 -18.42 28.80 6.94
N ILE A 316 -17.87 28.60 5.75
CA ILE A 316 -17.10 27.39 5.45
C ILE A 316 -15.73 27.52 6.10
N SER A 317 -15.38 26.55 6.93
CA SER A 317 -14.15 26.58 7.72
C SER A 317 -13.17 25.54 7.20
N ARG A 318 -11.92 25.95 7.06
CA ARG A 318 -10.84 25.07 6.65
C ARG A 318 -9.72 25.16 7.69
N ASN A 319 -9.19 24.01 8.09
CA ASN A 319 -8.20 23.95 9.15
C ASN A 319 -6.92 23.27 8.64
N VAL A 320 -5.80 23.83 9.05
CA VAL A 320 -4.48 23.28 8.75
C VAL A 320 -3.72 23.19 10.08
N SER A 321 -2.68 22.35 10.09
CA SER A 321 -1.90 22.15 11.31
C SER A 321 -0.44 21.95 10.95
N THR A 322 0.44 22.49 11.79
CA THR A 322 1.87 22.31 11.62
C THR A 322 2.50 21.96 12.97
N ASN A 323 3.71 21.42 12.91
CA ASN A 323 4.45 21.03 14.09
C ASN A 323 5.73 21.84 14.19
N VAL A 324 5.99 22.40 15.37
CA VAL A 324 7.17 23.22 15.62
C VAL A 324 7.97 22.54 16.72
N PHE A 325 9.23 22.24 16.43
CA PHE A 325 10.13 21.67 17.43
C PHE A 325 10.81 22.77 18.21
N PHE A 326 11.07 22.51 19.49
CA PHE A 326 11.67 23.48 20.38
C PHE A 326 13.10 23.05 20.72
N LYS A 327 14.05 23.96 20.56
CA LYS A 327 15.44 23.70 20.85
C LYS A 327 15.88 24.54 22.04
N GLN A 328 16.75 23.96 22.88
CA GLN A 328 17.17 24.63 24.10
C GLN A 328 18.17 25.76 23.85
N HIS A 329 18.82 25.77 22.70
CA HIS A 329 19.82 26.78 22.38
C HIS A 329 19.37 27.61 21.18
N ASP A 330 19.98 28.79 21.05
CA ASP A 330 19.60 29.71 19.98
C ASP A 330 20.10 29.29 18.61
N TYR A 331 21.13 28.46 18.55
CA TYR A 331 21.73 28.05 17.28
C TYR A 331 21.80 26.54 17.19
N ILE A 332 21.62 26.02 15.98
CA ILE A 332 21.77 24.60 15.69
C ILE A 332 23.04 24.41 14.86
N ILE A 333 23.85 23.45 15.27
CA ILE A 333 25.12 23.12 14.62
C ILE A 333 24.96 21.73 14.05
N GLU A 334 24.93 21.61 12.72
CA GLU A 334 24.66 20.35 12.07
C GLU A 334 25.79 20.02 11.09
N PHE A 335 25.98 18.73 10.85
CA PHE A 335 27.14 18.22 10.14
C PHE A 335 26.70 17.38 8.95
N PHE A 336 27.44 17.46 7.85
CA PHE A 336 27.33 16.47 6.77
C PHE A 336 28.70 16.32 6.11
N ASP A 337 28.72 15.51 5.04
CA ASP A 337 29.86 15.23 4.17
C ASP A 337 31.07 14.71 4.96
N TYR A 338 30.78 13.66 5.73
CA TYR A 338 31.82 13.01 6.54
C TYR A 338 31.74 11.52 6.29
N THR A 339 32.92 10.90 6.14
CA THR A 339 32.98 9.46 5.93
C THR A 339 32.61 8.73 7.21
N THR A 340 31.81 7.67 7.05
CA THR A 340 31.32 6.90 8.19
C THR A 340 32.34 5.88 8.69
N VAL A 341 33.47 5.71 8.00
CA VAL A 341 34.51 4.79 8.40
C VAL A 341 35.81 5.59 8.58
N LEU A 342 36.48 5.37 9.71
CA LEU A 342 37.73 6.08 9.99
C LEU A 342 38.85 5.54 9.13
N LYS A 343 39.57 6.43 8.47
CA LYS A 343 40.74 6.07 7.69
C LYS A 343 41.98 6.65 8.36
N PRO A 344 42.90 5.84 8.87
CA PRO A 344 44.10 6.38 9.50
C PRO A 344 45.05 7.01 8.50
N SER A 345 45.80 8.00 8.99
CA SER A 345 46.82 8.78 8.27
C SER A 345 46.27 9.51 7.04
N LEU A 346 44.97 9.85 7.05
CA LEU A 346 44.35 10.63 6.00
C LEU A 346 43.52 11.73 6.62
N ASN A 347 43.29 12.79 5.85
CA ASN A 347 42.61 13.98 6.35
C ASN A 347 41.11 13.71 6.45
N PHE A 348 40.55 13.88 7.65
CA PHE A 348 39.11 13.86 7.84
C PHE A 348 38.53 15.21 7.44
N THR A 349 37.50 15.19 6.61
CA THR A 349 36.82 16.38 6.14
C THR A 349 35.35 16.32 6.51
N ALA A 350 34.79 17.46 6.87
CA ALA A 350 33.37 17.57 7.19
C ALA A 350 32.89 18.96 6.83
N THR A 351 31.57 19.11 6.73
CA THR A 351 30.97 20.39 6.42
C THR A 351 29.93 20.72 7.49
N VAL A 352 30.03 21.91 8.05
CA VAL A 352 29.25 22.34 9.21
C VAL A 352 28.33 23.47 8.76
N LYS A 353 27.03 23.32 9.06
CA LYS A 353 26.07 24.40 8.96
C LYS A 353 25.71 24.85 10.38
N VAL A 354 26.04 26.08 10.70
CA VAL A 354 25.66 26.69 11.97
C VAL A 354 24.60 27.73 11.66
N THR A 355 23.36 27.47 12.06
CA THR A 355 22.25 28.33 11.73
C THR A 355 21.50 28.74 12.98
N ARG A 356 20.69 29.79 12.85
CA ARG A 356 19.85 30.22 13.94
C ARG A 356 18.63 29.33 14.05
N ALA A 357 17.91 29.48 15.18
CA ALA A 357 16.74 28.64 15.42
C ALA A 357 15.57 29.05 14.54
N ASP A 358 15.40 30.36 14.32
CA ASP A 358 14.27 30.85 13.53
C ASP A 358 14.53 30.83 12.03
N GLY A 359 15.72 30.40 11.59
CA GLY A 359 16.03 30.32 10.18
C GLY A 359 16.51 31.60 9.54
N ASN A 360 16.71 32.66 10.33
CA ASN A 360 17.20 33.91 9.78
C ASN A 360 18.71 33.85 9.56
N GLN A 361 19.23 34.87 8.88
CA GLN A 361 20.66 34.93 8.61
C GLN A 361 21.44 35.29 9.88
N LEU A 362 22.63 34.71 9.99
CA LEU A 362 23.47 34.91 11.16
C LEU A 362 24.13 36.28 11.09
N THR A 363 24.07 37.01 12.20
CA THR A 363 24.44 38.42 12.23
C THR A 363 25.95 38.60 12.24
N LEU A 364 26.38 39.84 11.95
CA LEU A 364 27.80 40.17 11.93
C LEU A 364 28.41 40.25 13.31
N GLU A 365 27.60 40.50 14.35
CA GLU A 365 28.11 40.48 15.72
C GLU A 365 28.49 39.06 16.14
N GLU A 366 27.65 38.09 15.81
CA GLU A 366 27.91 36.70 16.16
C GLU A 366 28.97 36.05 15.28
N ARG A 367 29.36 36.68 14.18
CA ARG A 367 30.43 36.14 13.34
C ARG A 367 31.80 36.28 13.97
N ARG A 368 31.96 37.19 14.94
CA ARG A 368 33.23 37.35 15.62
C ARG A 368 33.51 36.22 16.61
N ASN A 369 32.47 35.53 17.07
CA ASN A 369 32.65 34.39 17.95
C ASN A 369 33.11 33.17 17.13
N ASN A 370 34.21 32.56 17.56
CA ASN A 370 34.78 31.43 16.84
C ASN A 370 34.16 30.12 17.32
N VAL A 371 33.92 29.22 16.38
CA VAL A 371 33.45 27.88 16.70
C VAL A 371 34.64 27.07 17.21
N VAL A 372 34.47 26.46 18.39
CA VAL A 372 35.52 25.65 18.99
C VAL A 372 35.19 24.19 18.71
N ILE A 373 36.03 23.53 17.93
CA ILE A 373 35.81 22.14 17.54
C ILE A 373 36.90 21.30 18.20
N THR A 374 36.48 20.35 19.03
CA THR A 374 37.38 19.45 19.73
C THR A 374 37.36 18.10 19.04
N VAL A 375 38.54 17.64 18.63
CA VAL A 375 38.74 16.30 18.11
C VAL A 375 39.28 15.45 19.25
N THR A 376 38.88 14.18 19.25
CA THR A 376 39.33 13.21 20.26
C THR A 376 39.55 11.89 19.54
N GLN A 377 40.82 11.54 19.32
CA GLN A 377 41.18 10.29 18.67
C GLN A 377 41.61 9.30 19.73
N ARG A 378 40.87 8.20 19.85
CA ARG A 378 41.14 7.19 20.87
C ARG A 378 41.40 5.84 20.23
N ASN A 379 42.42 5.14 20.74
CA ASN A 379 42.77 3.81 20.26
C ASN A 379 42.02 2.78 21.09
N TYR A 380 40.75 2.61 20.78
CA TYR A 380 39.89 1.66 21.49
C TYR A 380 40.17 0.24 21.04
N LYS A 393 43.31 2.36 24.61
CA LYS A 393 42.35 3.25 25.24
C LYS A 393 42.93 4.65 25.42
N MET A 394 44.15 4.85 24.92
CA MET A 394 44.79 6.15 24.99
C MET A 394 44.15 7.11 24.01
N GLU A 395 43.97 8.35 24.43
CA GLU A 395 43.26 9.35 23.64
C GLU A 395 44.14 10.58 23.42
N ALA A 396 43.84 11.28 22.33
CA ALA A 396 44.46 12.57 22.00
C ALA A 396 43.35 13.58 21.74
N VAL A 397 43.41 14.70 22.45
CA VAL A 397 42.36 15.72 22.43
C VAL A 397 42.96 17.01 21.91
N GLN A 398 42.36 17.57 20.87
CA GLN A 398 42.85 18.82 20.28
C GLN A 398 41.70 19.76 19.97
N LYS A 399 41.85 21.02 20.35
CA LYS A 399 40.81 22.03 20.14
C LYS A 399 41.28 23.01 19.06
N ILE A 400 40.47 23.16 18.02
CA ILE A 400 40.75 24.06 16.91
C ILE A 400 39.65 25.12 16.85
N ASN A 401 40.04 26.37 16.63
CA ASN A 401 39.09 27.46 16.48
C ASN A 401 38.88 27.76 14.99
N TYR A 402 37.61 27.93 14.61
CA TYR A 402 37.25 28.20 13.23
C TYR A 402 36.36 29.43 13.16
N THR A 403 36.44 30.13 12.03
CA THR A 403 35.53 31.24 11.77
C THR A 403 34.29 30.72 11.05
N VAL A 404 33.25 31.54 11.04
CA VAL A 404 31.96 31.21 10.44
C VAL A 404 31.74 32.16 9.27
N PRO A 405 31.26 31.68 8.11
CA PRO A 405 31.02 32.61 6.99
C PRO A 405 29.64 33.23 7.00
N GLN A 406 29.34 34.00 5.95
CA GLN A 406 28.06 34.67 5.83
C GLN A 406 26.91 33.68 5.68
N SER A 407 27.12 32.64 4.87
CA SER A 407 26.10 31.62 4.67
C SER A 407 26.01 30.62 5.81
N GLY A 408 27.03 30.54 6.67
CA GLY A 408 27.04 29.63 7.77
C GLY A 408 27.50 28.22 7.44
N THR A 409 27.80 27.93 6.19
CA THR A 409 28.27 26.62 5.76
C THR A 409 29.78 26.69 5.53
N PHE A 410 30.54 25.94 6.31
CA PHE A 410 31.99 25.96 6.19
C PHE A 410 32.56 24.57 6.40
N LYS A 411 33.70 24.32 5.77
CA LYS A 411 34.32 23.00 5.79
C LYS A 411 35.48 22.96 6.77
N ILE A 412 35.62 21.83 7.45
CA ILE A 412 36.74 21.58 8.35
C ILE A 412 37.49 20.36 7.85
N GLU A 413 38.80 20.35 8.10
CA GLU A 413 39.68 19.28 7.64
C GLU A 413 40.83 19.16 8.62
N PHE A 414 40.98 17.99 9.22
CA PHE A 414 42.05 17.78 10.20
C PHE A 414 42.66 16.40 9.99
N PRO A 415 43.97 16.24 10.22
CA PRO A 415 44.59 14.92 10.03
C PRO A 415 44.20 13.95 11.12
N ILE A 416 44.38 12.66 10.80
CA ILE A 416 44.08 11.56 11.70
C ILE A 416 45.39 10.84 11.98
N LEU A 417 45.68 10.58 13.26
CA LEU A 417 46.87 9.84 13.65
C LEU A 417 46.72 8.37 13.23
N GLU A 418 47.88 7.70 13.12
CA GLU A 418 47.92 6.36 12.53
C GLU A 418 47.34 5.28 13.43
N ASP A 419 47.32 5.51 14.75
CA ASP A 419 46.80 4.53 15.70
C ASP A 419 45.38 4.84 16.14
N SER A 420 44.71 5.79 15.49
CA SER A 420 43.37 6.19 15.89
C SER A 420 42.34 5.16 15.45
N SER A 421 41.47 4.77 16.38
CA SER A 421 40.40 3.82 16.10
C SER A 421 39.02 4.43 16.20
N GLU A 422 38.81 5.39 17.09
CA GLU A 422 37.52 6.05 17.27
C GLU A 422 37.75 7.56 17.30
N LEU A 423 36.91 8.30 16.58
CA LEU A 423 37.01 9.75 16.52
C LEU A 423 35.77 10.37 17.12
N GLN A 424 35.96 11.29 18.06
CA GLN A 424 34.87 12.04 18.67
C GLN A 424 35.01 13.51 18.28
N LEU A 425 33.96 14.07 17.69
CA LEU A 425 33.92 15.46 17.28
C LEU A 425 32.90 16.20 18.12
N LYS A 426 33.33 17.31 18.72
CA LYS A 426 32.47 18.13 19.57
C LYS A 426 32.61 19.59 19.18
N ALA A 427 31.53 20.19 18.71
CA ALA A 427 31.52 21.59 18.27
C ALA A 427 30.74 22.44 19.25
N TYR A 428 31.32 23.58 19.64
CA TYR A 428 30.69 24.55 20.52
C TYR A 428 30.68 25.91 19.86
N PHE A 429 29.55 26.60 19.98
CA PHE A 429 29.40 27.95 19.44
C PHE A 429 28.33 28.68 20.24
N LEU A 430 28.77 29.62 21.09
CA LEU A 430 27.91 30.51 21.89
C LEU A 430 26.96 29.74 22.81
N GLY A 431 27.45 28.64 23.38
CA GLY A 431 26.65 27.78 24.21
C GLY A 431 25.93 26.67 23.48
N SER A 432 25.92 26.70 22.15
CA SER A 432 25.31 25.63 21.36
C SER A 432 26.33 24.51 21.19
N LYS A 433 25.92 23.28 21.51
CA LYS A 433 26.81 22.13 21.48
C LYS A 433 26.28 21.09 20.51
N SER A 434 27.20 20.47 19.77
CA SER A 434 26.89 19.31 18.93
C SER A 434 28.04 18.32 19.04
N SER A 435 27.72 17.04 18.85
CA SER A 435 28.74 16.01 19.03
C SER A 435 28.33 14.75 18.28
N MET A 436 29.32 14.08 17.68
CA MET A 436 29.11 12.72 17.21
C MET A 436 30.44 11.98 17.24
N ALA A 437 30.35 10.66 17.03
CA ALA A 437 31.51 9.79 17.07
C ALA A 437 31.48 8.82 15.89
N VAL A 438 32.65 8.62 15.29
CA VAL A 438 32.87 7.63 14.25
C VAL A 438 33.69 6.49 14.84
N HIS A 439 33.11 5.29 14.85
CA HIS A 439 33.72 4.13 15.48
C HIS A 439 34.23 3.08 14.51
N SER A 440 33.81 3.13 13.25
CA SER A 440 34.22 2.13 12.28
C SER A 440 35.64 2.40 11.81
N LEU A 441 36.54 1.46 12.07
CA LEU A 441 37.94 1.59 11.74
C LEU A 441 38.34 0.52 10.73
N PHE A 442 38.99 0.94 9.65
CA PHE A 442 39.53 0.01 8.67
C PHE A 442 40.90 -0.47 9.12
N LYS A 443 41.09 -1.79 9.14
CA LYS A 443 42.32 -2.40 9.60
C LYS A 443 43.06 -3.01 8.42
N SER A 444 44.35 -2.67 8.28
CA SER A 444 45.20 -3.20 7.23
C SER A 444 46.52 -3.65 7.83
N PRO A 445 47.11 -4.74 7.32
CA PRO A 445 48.42 -5.16 7.84
C PRO A 445 49.56 -4.28 7.40
N SER A 446 49.49 -3.68 6.21
CA SER A 446 50.53 -2.77 5.73
C SER A 446 50.26 -1.33 6.11
N LYS A 447 49.11 -1.05 6.73
CA LYS A 447 48.64 0.28 7.14
C LYS A 447 48.60 1.27 5.97
N THR A 448 48.16 0.78 4.82
CA THR A 448 48.02 1.60 3.62
C THR A 448 46.54 1.72 3.28
N TYR A 449 46.05 2.94 3.20
CA TYR A 449 44.64 3.22 2.97
C TYR A 449 44.49 4.27 1.87
N ILE A 450 43.39 4.19 1.15
CA ILE A 450 43.04 5.20 0.15
C ILE A 450 41.67 5.75 0.51
N GLN A 451 41.43 6.99 0.07
CA GLN A 451 40.18 7.68 0.31
C GLN A 451 39.65 8.23 -1.00
N LEU A 452 38.38 7.95 -1.28
CA LEU A 452 37.72 8.44 -2.48
C LEU A 452 36.66 9.45 -2.08
N LYS A 453 36.75 10.66 -2.65
CA LYS A 453 35.85 11.74 -2.30
C LYS A 453 35.26 12.36 -3.55
N THR A 454 34.06 12.90 -3.42
CA THR A 454 33.40 13.61 -4.49
C THR A 454 33.35 15.11 -4.16
N ARG A 455 33.34 15.93 -5.20
CA ARG A 455 33.34 17.37 -5.05
C ARG A 455 32.01 18.02 -5.42
N ASP A 456 31.15 17.31 -6.15
CA ASP A 456 29.87 17.85 -6.61
C ASP A 456 28.78 17.45 -5.64
N GLU A 457 28.05 18.44 -5.13
CA GLU A 457 26.94 18.15 -4.22
C GLU A 457 25.73 17.63 -4.97
N ASN A 458 25.49 18.14 -6.18
CA ASN A 458 24.37 17.72 -7.01
C ASN A 458 24.91 16.96 -8.22
N ILE A 459 24.58 15.68 -8.30
CA ILE A 459 25.02 14.81 -9.39
C ILE A 459 23.80 14.42 -10.21
N LYS A 460 23.84 14.72 -11.50
CA LYS A 460 22.75 14.40 -12.41
C LYS A 460 23.23 13.43 -13.48
N VAL A 461 22.29 12.95 -14.28
CA VAL A 461 22.60 12.02 -15.35
C VAL A 461 23.09 12.79 -16.57
N GLY A 462 24.27 12.43 -17.06
CA GLY A 462 24.86 13.06 -18.21
C GLY A 462 25.84 14.17 -17.89
N SER A 463 25.73 14.78 -16.71
CA SER A 463 26.69 15.77 -16.28
C SER A 463 27.85 15.08 -15.59
N PRO A 464 29.08 15.21 -16.08
CA PRO A 464 30.20 14.50 -15.46
C PRO A 464 30.60 15.11 -14.13
N PHE A 465 30.89 14.25 -13.16
CA PHE A 465 31.27 14.66 -11.82
C PHE A 465 32.68 14.19 -11.52
N GLU A 466 33.37 14.97 -10.69
CA GLU A 466 34.79 14.77 -10.42
C GLU A 466 35.00 14.02 -9.12
N LEU A 467 35.94 13.09 -9.12
CA LEU A 467 36.30 12.29 -7.97
C LEU A 467 37.80 12.44 -7.70
N VAL A 468 38.14 12.61 -6.44
CA VAL A 468 39.52 12.78 -5.99
C VAL A 468 39.88 11.59 -5.12
N VAL A 469 40.99 10.94 -5.44
CA VAL A 469 41.50 9.81 -4.67
C VAL A 469 42.79 10.25 -3.98
N SER A 470 42.82 10.13 -2.67
CA SER A 470 43.99 10.46 -1.86
C SER A 470 44.51 9.19 -1.20
N GLY A 471 45.79 9.23 -0.83
CA GLY A 471 46.39 8.09 -0.17
C GLY A 471 47.63 8.50 0.58
N ASN A 472 47.98 7.68 1.58
CA ASN A 472 49.18 7.95 2.36
C ASN A 472 50.45 7.47 1.68
N LYS A 473 50.35 6.68 0.62
CA LYS A 473 51.50 6.19 -0.13
C LYS A 473 51.32 6.53 -1.61
N ARG A 474 52.30 6.13 -2.41
CA ARG A 474 52.24 6.36 -3.85
C ARG A 474 51.27 5.39 -4.48
N LEU A 475 50.34 5.91 -5.29
CA LEU A 475 49.26 5.12 -5.85
C LEU A 475 49.68 4.48 -7.17
N LYS A 476 49.19 3.27 -7.41
CA LYS A 476 49.41 2.56 -8.66
C LYS A 476 48.26 2.88 -9.62
N GLU A 477 48.13 2.09 -10.68
CA GLU A 477 47.02 2.24 -11.62
C GLU A 477 45.73 1.79 -10.96
N LEU A 478 44.85 2.76 -10.70
CA LEU A 478 43.61 2.51 -9.97
C LEU A 478 42.59 1.81 -10.86
N SER A 479 41.71 1.02 -10.25
CA SER A 479 40.62 0.39 -10.97
C SER A 479 39.31 0.73 -10.27
N TYR A 480 38.36 1.27 -11.03
CA TYR A 480 37.07 1.65 -10.48
C TYR A 480 35.97 0.78 -11.06
N MET A 481 35.04 0.38 -10.19
CA MET A 481 33.83 -0.37 -10.56
C MET A 481 32.63 0.36 -9.99
N VAL A 482 31.64 0.62 -10.84
CA VAL A 482 30.42 1.32 -10.45
C VAL A 482 29.26 0.34 -10.48
N VAL A 483 28.57 0.23 -9.35
CA VAL A 483 27.48 -0.72 -9.13
C VAL A 483 26.23 0.04 -8.74
N SER A 484 25.13 -0.18 -9.46
CA SER A 484 23.86 0.46 -9.11
C SER A 484 22.73 -0.55 -9.27
N ARG A 485 21.76 -0.45 -8.36
CA ARG A 485 20.58 -1.33 -8.25
C ARG A 485 20.96 -2.81 -8.13
N GLY A 486 22.08 -3.09 -7.45
CA GLY A 486 22.57 -4.45 -7.36
C GLY A 486 23.12 -5.00 -8.65
N GLN A 487 23.52 -4.15 -9.59
CA GLN A 487 24.08 -4.59 -10.86
C GLN A 487 25.33 -3.77 -11.16
N LEU A 488 26.38 -4.46 -11.57
CA LEU A 488 27.65 -3.82 -11.89
C LEU A 488 27.53 -3.15 -13.25
N VAL A 489 27.39 -1.81 -13.24
CA VAL A 489 27.09 -1.09 -14.48
C VAL A 489 28.31 -0.49 -15.15
N ALA A 490 29.45 -0.36 -14.46
CA ALA A 490 30.61 0.20 -15.14
C ALA A 490 31.89 -0.38 -14.55
N VAL A 491 32.91 -0.51 -15.40
CA VAL A 491 34.26 -0.86 -14.98
C VAL A 491 35.23 0.09 -15.67
N GLY A 492 36.45 0.13 -15.16
CA GLY A 492 37.51 0.79 -15.88
C GLY A 492 38.74 0.96 -15.03
N LYS A 493 39.79 1.44 -15.67
CA LYS A 493 41.07 1.71 -15.02
C LYS A 493 41.44 3.17 -15.22
N GLN A 494 41.76 3.86 -14.12
CA GLN A 494 42.20 5.23 -14.16
C GLN A 494 43.58 5.32 -13.55
N ASN A 495 44.52 5.93 -14.28
CA ASN A 495 45.88 6.10 -13.78
C ASN A 495 46.04 7.34 -12.92
N SER A 496 45.25 8.37 -13.17
CA SER A 496 45.34 9.60 -12.39
C SER A 496 44.68 9.42 -11.02
N THR A 497 45.03 10.32 -10.11
CA THR A 497 44.44 10.34 -8.77
C THR A 497 43.15 11.15 -8.73
N MET A 498 42.76 11.77 -9.83
CA MET A 498 41.54 12.54 -9.92
C MET A 498 40.94 12.33 -11.30
N PHE A 499 39.66 11.98 -11.36
CA PHE A 499 39.06 11.65 -12.65
C PHE A 499 37.59 12.01 -12.65
N SER A 500 37.04 12.17 -13.85
CA SER A 500 35.65 12.54 -14.03
C SER A 500 34.86 11.36 -14.59
N LEU A 501 33.68 11.13 -14.04
CA LEU A 501 32.80 10.05 -14.46
C LEU A 501 31.47 10.62 -14.92
N THR A 502 30.88 9.98 -15.93
CA THR A 502 29.59 10.40 -16.47
C THR A 502 28.52 9.40 -16.08
N PRO A 503 27.56 9.77 -15.24
CA PRO A 503 26.48 8.85 -14.89
C PRO A 503 25.51 8.65 -16.04
N GLU A 504 24.84 7.51 -16.04
CA GLU A 504 23.82 7.17 -17.02
C GLU A 504 22.48 6.98 -16.32
N ASN A 505 21.48 6.55 -17.09
CA ASN A 505 20.15 6.36 -16.54
C ASN A 505 20.05 5.14 -15.65
N SER A 506 20.96 4.18 -15.80
CA SER A 506 20.96 2.99 -14.95
C SER A 506 21.63 3.23 -13.61
N TRP A 507 22.32 4.35 -13.43
CA TRP A 507 23.02 4.63 -12.18
C TRP A 507 22.07 5.07 -11.07
N THR A 508 20.87 5.50 -11.42
CA THR A 508 19.94 6.05 -10.46
C THR A 508 19.32 4.93 -9.60
N PRO A 509 19.02 5.21 -8.31
CA PRO A 509 19.22 6.45 -7.54
C PRO A 509 20.55 6.51 -6.78
N LYS A 510 21.11 5.39 -6.34
CA LYS A 510 22.36 5.38 -5.58
C LYS A 510 23.38 4.55 -6.32
N ALA A 511 24.59 5.07 -6.43
CA ALA A 511 25.67 4.41 -7.13
C ALA A 511 26.83 4.16 -6.20
N CYS A 512 27.41 2.97 -6.28
CA CYS A 512 28.64 2.63 -5.59
C CYS A 512 29.80 2.82 -6.55
N VAL A 513 30.75 3.65 -6.17
CA VAL A 513 32.03 3.73 -6.86
C VAL A 513 33.05 3.05 -5.96
N ILE A 514 33.55 1.89 -6.38
CA ILE A 514 34.55 1.15 -5.62
C ILE A 514 35.87 1.31 -6.35
N VAL A 515 36.82 1.96 -5.69
CA VAL A 515 38.13 2.23 -6.26
C VAL A 515 39.14 1.36 -5.51
N TYR A 516 39.91 0.56 -6.24
CA TYR A 516 40.84 -0.35 -5.60
C TYR A 516 42.10 -0.50 -6.43
N TYR A 517 43.15 -0.95 -5.75
CA TYR A 517 44.40 -1.32 -6.39
C TYR A 517 45.14 -2.33 -5.50
N ILE A 518 46.07 -3.05 -6.11
CA ILE A 518 46.77 -4.15 -5.44
C ILE A 518 48.23 -3.78 -5.26
N GLU A 519 48.71 -3.89 -4.01
CA GLU A 519 50.10 -3.61 -3.68
C GLU A 519 50.99 -4.80 -4.09
N ASP A 520 52.30 -4.66 -3.84
CA ASP A 520 53.26 -5.66 -4.28
C ASP A 520 53.20 -6.95 -3.47
N ASP A 521 52.70 -6.89 -2.24
CA ASP A 521 52.53 -8.09 -1.42
C ASP A 521 51.18 -8.77 -1.66
N GLY A 522 50.37 -8.23 -2.56
CA GLY A 522 49.10 -8.85 -2.92
C GLY A 522 47.89 -8.32 -2.18
N GLU A 523 48.06 -7.38 -1.26
CA GLU A 523 46.94 -6.86 -0.48
C GLU A 523 46.10 -5.91 -1.33
N ILE A 524 44.79 -6.15 -1.35
CA ILE A 524 43.88 -5.25 -2.04
C ILE A 524 43.57 -4.07 -1.15
N ILE A 525 43.65 -2.86 -1.72
CA ILE A 525 43.32 -1.62 -1.02
C ILE A 525 42.16 -0.99 -1.77
N SER A 526 41.04 -0.78 -1.08
CA SER A 526 39.79 -0.40 -1.71
C SER A 526 39.09 0.65 -0.87
N ASP A 527 38.20 1.41 -1.52
CA ASP A 527 37.30 2.30 -0.82
C ASP A 527 36.02 2.22 -1.65
N VAL A 528 34.88 2.36 -0.97
CA VAL A 528 33.57 2.39 -1.60
C VAL A 528 32.88 3.70 -1.25
N LEU A 529 32.38 4.39 -2.27
CA LEU A 529 31.67 5.66 -2.09
C LEU A 529 30.26 5.51 -2.62
N LYS A 530 29.27 5.74 -1.76
CA LYS A 530 27.87 5.66 -2.14
C LYS A 530 27.37 7.07 -2.40
N ILE A 531 26.93 7.32 -3.62
CA ILE A 531 26.51 8.67 -4.00
C ILE A 531 25.08 8.65 -4.53
N PRO A 532 24.25 9.63 -4.17
CA PRO A 532 22.91 9.73 -4.77
C PRO A 532 23.01 10.41 -6.14
N VAL A 533 22.37 9.80 -7.13
CA VAL A 533 22.37 10.31 -8.49
C VAL A 533 20.96 10.76 -8.83
N GLN A 534 20.80 12.05 -9.11
CA GLN A 534 19.50 12.61 -9.47
C GLN A 534 19.16 12.23 -10.90
N LEU A 535 17.96 11.72 -11.10
CA LEU A 535 17.53 11.26 -12.42
C LEU A 535 17.07 12.44 -13.26
N VAL A 536 17.64 12.57 -14.45
CA VAL A 536 17.16 13.53 -15.44
C VAL A 536 16.49 12.74 -16.55
N PHE A 537 15.60 13.41 -17.27
CA PHE A 537 14.80 12.77 -18.30
C PHE A 537 15.21 13.29 -19.67
N LYS A 538 15.48 12.37 -20.59
CA LYS A 538 15.85 12.77 -21.95
C LYS A 538 14.64 13.28 -22.72
N ASN A 539 13.45 12.84 -22.37
CA ASN A 539 12.22 13.28 -23.00
C ASN A 539 11.60 14.40 -22.18
N LYS A 540 11.27 15.51 -22.84
CA LYS A 540 10.72 16.68 -22.17
C LYS A 540 9.37 17.03 -22.79
N ILE A 541 8.41 17.39 -21.93
CA ILE A 541 7.07 17.79 -22.35
C ILE A 541 6.74 19.12 -21.68
N LYS A 542 6.32 20.10 -22.48
CA LYS A 542 5.96 21.42 -21.99
C LYS A 542 4.51 21.72 -22.37
N LEU A 543 3.78 22.33 -21.44
CA LEU A 543 2.38 22.69 -21.64
C LEU A 543 2.23 24.20 -21.53
N TYR A 544 1.51 24.79 -22.49
CA TYR A 544 1.25 26.22 -22.47
C TYR A 544 -0.23 26.47 -22.67
N TRP A 545 -0.82 27.26 -21.78
CA TRP A 545 -2.16 27.76 -22.07
C TRP A 545 -2.08 28.93 -23.05
N SER A 546 -3.19 29.20 -23.72
CA SER A 546 -3.24 30.36 -24.60
C SER A 546 -3.32 31.65 -23.80
N LYS A 547 -4.02 31.62 -22.67
CA LYS A 547 -4.16 32.78 -21.80
C LYS A 547 -3.89 32.36 -20.36
N VAL A 548 -3.49 33.33 -19.55
CA VAL A 548 -3.32 33.06 -18.12
C VAL A 548 -4.65 33.20 -17.39
N LYS A 549 -5.40 34.26 -17.71
CA LYS A 549 -6.71 34.50 -17.13
C LYS A 549 -7.76 34.43 -18.23
N ALA A 550 -8.82 33.66 -17.99
CA ALA A 550 -9.87 33.49 -18.97
C ALA A 550 -11.22 33.51 -18.28
N GLU A 551 -12.26 33.78 -19.06
CA GLU A 551 -13.62 33.73 -18.60
C GLU A 551 -14.20 32.34 -18.80
N PRO A 552 -15.26 31.98 -18.08
CA PRO A 552 -15.98 30.74 -18.40
C PRO A 552 -16.67 30.82 -19.76
N SER A 553 -16.79 29.64 -20.38
CA SER A 553 -17.31 29.44 -21.74
C SER A 553 -16.54 30.27 -22.78
N GLU A 554 -15.22 30.30 -22.63
CA GLU A 554 -14.32 30.97 -23.57
C GLU A 554 -13.40 29.93 -24.18
N LYS A 555 -13.24 29.98 -25.49
CA LYS A 555 -12.43 28.99 -26.21
C LYS A 555 -10.96 29.33 -26.03
N VAL A 556 -10.23 28.46 -25.32
CA VAL A 556 -8.80 28.63 -25.18
C VAL A 556 -8.12 27.46 -25.88
N SER A 557 -6.80 27.46 -25.91
CA SER A 557 -6.06 26.39 -26.56
C SER A 557 -4.90 25.97 -25.69
N LEU A 558 -4.72 24.68 -25.52
CA LEU A 558 -3.61 24.11 -24.78
C LEU A 558 -2.59 23.56 -25.78
N ARG A 559 -1.34 24.02 -25.66
CA ARG A 559 -0.28 23.64 -26.57
C ARG A 559 0.67 22.68 -25.86
N ILE A 560 0.88 21.53 -26.48
CA ILE A 560 1.76 20.48 -25.95
C ILE A 560 2.98 20.42 -26.85
N SER A 561 4.17 20.59 -26.27
CA SER A 561 5.42 20.53 -27.01
C SER A 561 6.26 19.39 -26.45
N VAL A 562 6.56 18.41 -27.29
CA VAL A 562 7.37 17.26 -26.89
C VAL A 562 8.71 17.31 -27.62
N THR A 563 9.61 16.40 -27.25
CA THR A 563 10.95 16.38 -27.79
C THR A 563 11.07 15.55 -29.06
N GLN A 564 10.33 14.45 -29.14
CA GLN A 564 10.52 13.48 -30.21
C GLN A 564 9.20 13.13 -30.87
N PRO A 565 9.20 12.89 -32.18
CA PRO A 565 7.99 12.39 -32.83
C PRO A 565 7.73 10.92 -32.50
N ASP A 566 6.55 10.46 -32.92
CA ASP A 566 5.99 9.12 -32.63
C ASP A 566 5.94 8.84 -31.13
N SER A 567 5.39 9.80 -30.39
CA SER A 567 5.28 9.73 -28.94
C SER A 567 3.81 9.77 -28.54
N ILE A 568 3.49 9.13 -27.42
CA ILE A 568 2.15 9.09 -26.87
C ILE A 568 2.11 9.99 -25.64
N VAL A 569 1.15 10.91 -25.62
CA VAL A 569 1.08 11.95 -24.61
C VAL A 569 -0.21 11.78 -23.82
N GLY A 570 -0.08 11.74 -22.49
CA GLY A 570 -1.22 11.73 -21.59
C GLY A 570 -1.27 13.03 -20.79
N ILE A 571 -2.40 13.72 -20.88
CA ILE A 571 -2.58 15.05 -20.31
C ILE A 571 -3.74 14.99 -19.33
N VAL A 572 -3.51 15.46 -18.10
CA VAL A 572 -4.58 15.66 -17.15
C VAL A 572 -4.65 17.15 -16.82
N ALA A 573 -5.86 17.67 -16.73
CA ALA A 573 -6.08 19.06 -16.34
C ALA A 573 -7.36 19.08 -15.51
N VAL A 574 -7.21 19.37 -14.22
CA VAL A 574 -8.25 19.19 -13.23
C VAL A 574 -8.49 20.51 -12.50
N ASP A 575 -9.49 20.50 -11.64
CA ASP A 575 -9.72 21.60 -10.72
C ASP A 575 -8.61 21.66 -9.68
N LYS A 576 -8.38 22.86 -9.14
CA LYS A 576 -7.37 22.99 -8.09
C LYS A 576 -7.83 22.43 -6.77
N SER A 577 -9.15 22.36 -6.55
CA SER A 577 -9.69 21.80 -5.31
C SER A 577 -9.47 20.30 -5.22
N VAL A 578 -9.34 19.63 -6.37
CA VAL A 578 -8.92 18.24 -6.42
C VAL A 578 -7.53 18.07 -5.82
N ASN A 579 -6.62 18.99 -6.15
CA ASN A 579 -5.32 19.03 -5.50
C ASN A 579 -5.40 19.52 -4.05
N LEU A 580 -6.47 20.25 -3.70
CA LEU A 580 -6.66 20.70 -2.32
C LEU A 580 -7.35 19.67 -1.45
N MET A 581 -7.73 18.52 -2.01
CA MET A 581 -8.32 17.42 -1.24
C MET A 581 -7.30 16.58 -0.47
N ASN A 582 -6.01 16.98 -0.49
CA ASN A 582 -4.90 16.32 0.23
C ASN A 582 -4.73 14.86 -0.18
N ALA A 583 -5.01 14.56 -1.45
CA ALA A 583 -4.87 13.22 -1.99
C ALA A 583 -4.71 13.33 -3.50
N SER A 584 -3.71 12.65 -4.05
CA SER A 584 -3.45 12.71 -5.48
C SER A 584 -2.83 11.40 -5.93
N ASN A 585 -3.23 10.93 -7.12
CA ASN A 585 -2.72 9.70 -7.69
C ASN A 585 -2.06 9.92 -9.05
N ASP A 586 -1.55 11.12 -9.28
CA ASP A 586 -0.94 11.45 -10.55
C ASP A 586 0.49 10.93 -10.62
N ILE A 587 1.01 10.86 -11.84
CA ILE A 587 2.41 10.49 -12.07
C ILE A 587 3.25 11.75 -11.96
N THR A 588 4.02 11.86 -10.90
CA THR A 588 4.90 13.00 -10.66
C THR A 588 6.33 12.50 -10.52
N MET A 589 7.23 13.42 -10.17
CA MET A 589 8.63 13.04 -9.94
C MET A 589 8.79 12.28 -8.63
N GLU A 590 7.91 12.53 -7.67
CA GLU A 590 8.00 11.85 -6.37
C GLU A 590 7.67 10.36 -6.47
N ASN A 591 6.71 9.98 -7.32
CA ASN A 591 6.42 8.57 -7.54
C ASN A 591 7.54 7.88 -8.30
N VAL A 592 8.20 8.60 -9.21
CA VAL A 592 9.35 8.07 -9.94
C VAL A 592 10.53 7.84 -8.98
N VAL A 593 10.75 8.80 -8.06
CA VAL A 593 11.81 8.68 -7.06
C VAL A 593 11.51 7.54 -6.08
N HIS A 594 10.23 7.35 -5.73
CA HIS A 594 9.83 6.25 -4.86
C HIS A 594 10.00 4.90 -5.56
N GLU A 595 9.70 4.83 -6.86
CA GLU A 595 9.92 3.58 -7.60
C GLU A 595 11.40 3.27 -7.76
N LEU A 596 12.22 4.30 -7.96
CA LEU A 596 13.66 4.12 -8.04
C LEU A 596 14.25 3.69 -6.70
N GLU A 597 13.70 4.19 -5.60
CA GLU A 597 14.11 3.72 -4.27
C GLU A 597 13.60 2.30 -4.02
N LEU A 598 12.48 1.92 -4.63
CA LEU A 598 12.03 0.54 -4.56
C LEU A 598 12.92 -0.39 -5.36
N TYR A 599 13.61 0.13 -6.38
CA TYR A 599 14.59 -0.68 -7.10
C TYR A 599 15.82 -0.97 -6.23
N ASN A 600 16.14 -0.09 -5.28
CA ASN A 600 17.27 -0.33 -4.40
C ASN A 600 16.94 -1.42 -3.39
N THR A 601 17.94 -2.22 -3.03
CA THR A 601 17.75 -3.42 -2.24
C THR A 601 18.68 -3.44 -1.03
N GLY A 602 18.38 -4.36 -0.10
CA GLY A 602 19.21 -4.55 1.07
C GLY A 602 20.27 -5.62 0.87
N TYR A 603 21.27 -5.61 1.76
CA TYR A 603 22.44 -6.45 1.61
C TYR A 603 22.69 -7.24 2.89
N TYR A 604 23.56 -8.25 2.79
CA TYR A 604 23.86 -9.16 3.89
C TYR A 604 25.36 -9.10 4.22
N LEU A 605 25.78 -9.99 5.12
CA LEU A 605 27.12 -10.00 5.70
C LEU A 605 27.91 -11.22 5.21
N GLY A 606 29.17 -11.30 5.65
CA GLY A 606 30.05 -12.40 5.28
C GLY A 606 31.02 -12.71 6.41
N MET A 607 32.27 -13.08 6.06
CA MET A 607 33.26 -13.40 7.08
C MET A 607 34.33 -12.32 7.31
N PHE A 608 34.46 -11.35 6.40
CA PHE A 608 35.28 -10.13 6.56
C PHE A 608 36.75 -10.44 6.80
N MET A 609 37.39 -10.93 5.75
CA MET A 609 38.83 -11.16 5.74
C MET A 609 39.68 -9.89 5.90
N ASN A 610 39.71 -8.95 4.93
CA ASN A 610 40.15 -7.61 5.31
C ASN A 610 39.34 -6.47 4.70
N SER A 611 38.76 -6.64 3.50
CA SER A 611 38.04 -5.57 2.83
C SER A 611 36.77 -6.10 2.17
N PHE A 612 36.33 -7.29 2.55
CA PHE A 612 35.21 -7.92 1.86
C PHE A 612 33.91 -7.26 2.33
N ALA A 613 33.91 -6.65 3.53
CA ALA A 613 32.78 -5.81 3.94
C ALA A 613 32.68 -4.56 3.08
N VAL A 614 33.83 -3.96 2.74
CA VAL A 614 33.87 -2.81 1.84
C VAL A 614 33.37 -3.20 0.46
N PHE A 615 33.66 -4.43 0.02
CA PHE A 615 33.06 -4.93 -1.21
C PHE A 615 31.55 -5.17 -1.06
N GLN A 616 31.10 -5.72 0.07
CA GLN A 616 29.71 -6.13 0.21
C GLN A 616 28.79 -4.99 0.65
N GLU A 617 29.33 -3.77 0.80
CA GLU A 617 28.55 -2.56 1.15
C GLU A 617 27.37 -2.29 0.22
N CYS A 618 27.46 -2.70 -1.05
CA CYS A 618 26.31 -2.68 -1.94
C CYS A 618 26.18 -4.00 -2.69
N GLY A 619 26.41 -5.11 -1.99
CA GLY A 619 26.09 -6.43 -2.52
C GLY A 619 26.99 -6.94 -3.61
N LEU A 620 28.26 -7.17 -3.30
CA LEU A 620 29.23 -7.66 -4.26
C LEU A 620 30.02 -8.80 -3.66
N TRP A 621 30.19 -9.86 -4.43
CA TRP A 621 30.87 -11.08 -4.00
C TRP A 621 32.08 -11.29 -4.88
N VAL A 622 33.27 -11.30 -4.27
CA VAL A 622 34.53 -11.21 -5.00
C VAL A 622 35.21 -12.58 -5.04
N LEU A 623 35.68 -12.95 -6.24
CA LEU A 623 36.53 -14.11 -6.46
C LEU A 623 37.95 -13.63 -6.72
N THR A 624 38.85 -13.86 -5.77
CA THR A 624 40.24 -13.52 -6.00
C THR A 624 41.15 -14.42 -5.18
N ASP A 625 42.43 -14.43 -5.55
CA ASP A 625 43.48 -15.06 -4.79
C ASP A 625 44.47 -14.04 -4.23
N ALA A 626 44.08 -12.77 -4.20
CA ALA A 626 44.95 -11.67 -3.82
C ALA A 626 44.77 -11.36 -2.33
N ASN A 627 45.04 -12.34 -1.48
CA ASN A 627 45.18 -12.03 -0.05
C ASN A 627 46.21 -12.90 0.64
N LEU A 628 47.01 -13.65 -0.13
CA LEU A 628 47.83 -14.70 0.44
C LEU A 628 49.28 -14.24 0.54
N THR A 629 49.84 -14.43 1.74
CA THR A 629 51.23 -14.15 2.11
C THR A 629 51.71 -12.72 1.78
N GLY A 663 -28.38 44.97 -20.20
CA GLY A 663 -29.62 44.67 -20.90
C GLY A 663 -29.52 43.42 -21.75
N SER A 664 -29.00 42.34 -21.17
CA SER A 664 -28.86 41.09 -21.90
C SER A 664 -28.99 39.93 -20.90
N SER A 665 -29.34 38.77 -21.43
CA SER A 665 -29.45 37.58 -20.60
C SER A 665 -28.06 37.08 -20.22
N PRO A 666 -27.81 36.77 -18.96
CA PRO A 666 -26.49 36.26 -18.57
C PRO A 666 -26.29 34.82 -19.01
N HIS A 667 -25.03 34.42 -19.11
CA HIS A 667 -24.69 33.06 -19.49
C HIS A 667 -24.95 32.12 -18.32
N VAL A 668 -25.81 31.14 -18.53
CA VAL A 668 -26.21 30.23 -17.46
C VAL A 668 -25.08 29.23 -17.24
N ARG A 669 -24.53 29.21 -16.02
CA ARG A 669 -23.39 28.37 -15.68
C ARG A 669 -23.90 27.01 -15.21
N LYS A 670 -23.76 25.99 -16.06
CA LYS A 670 -24.27 24.67 -15.76
C LYS A 670 -23.19 23.60 -15.65
N HIS A 671 -22.10 23.71 -16.41
CA HIS A 671 -21.11 22.64 -16.52
C HIS A 671 -20.04 22.85 -15.46
N PHE A 672 -20.06 22.02 -14.41
CA PHE A 672 -19.09 22.07 -13.32
C PHE A 672 -18.41 20.71 -13.18
N PRO A 673 -17.37 20.44 -13.95
CA PRO A 673 -16.63 19.19 -13.77
C PRO A 673 -15.45 19.36 -12.82
N GLU A 674 -14.98 18.22 -12.31
CA GLU A 674 -13.77 18.21 -11.51
C GLU A 674 -12.54 17.88 -12.34
N THR A 675 -12.69 17.04 -13.36
CA THR A 675 -11.62 16.74 -14.31
C THR A 675 -12.02 17.33 -15.66
N TRP A 676 -11.30 18.36 -16.09
CA TRP A 676 -11.65 19.04 -17.34
C TRP A 676 -11.08 18.27 -18.53
N ILE A 677 -9.77 18.13 -18.60
CA ILE A 677 -9.13 17.49 -19.76
C ILE A 677 -8.52 16.18 -19.30
N TRP A 678 -8.95 15.09 -19.93
CA TRP A 678 -8.34 13.77 -19.76
C TRP A 678 -7.99 13.30 -21.16
N LEU A 679 -6.81 13.69 -21.64
CA LEU A 679 -6.43 13.50 -23.03
C LEU A 679 -5.40 12.40 -23.14
N ASP A 680 -5.56 11.52 -24.11
CA ASP A 680 -4.59 10.48 -24.43
C ASP A 680 -4.43 10.47 -25.94
N THR A 681 -3.32 11.03 -26.44
CA THR A 681 -3.16 11.22 -27.87
C THR A 681 -1.84 10.64 -28.33
N ASN A 682 -1.73 10.43 -29.64
CA ASN A 682 -0.50 10.00 -30.29
C ASN A 682 -0.06 11.13 -31.22
N MET A 683 1.17 11.59 -31.06
CA MET A 683 1.65 12.73 -31.83
C MET A 683 1.90 12.36 -33.28
N GLY A 684 2.53 11.23 -33.53
CA GLY A 684 2.87 10.83 -34.88
C GLY A 684 4.05 11.60 -35.43
N TYR A 685 3.80 12.47 -36.41
CA TYR A 685 4.85 13.24 -37.05
C TYR A 685 5.04 14.62 -36.45
N ARG A 686 4.28 14.97 -35.41
CA ARG A 686 4.30 16.30 -34.85
C ARG A 686 5.10 16.32 -33.55
N ILE A 687 5.89 17.38 -33.36
CA ILE A 687 6.55 17.61 -32.08
C ILE A 687 5.76 18.55 -31.19
N TYR A 688 4.72 19.18 -31.70
CA TYR A 688 3.85 20.03 -30.89
C TYR A 688 2.45 20.01 -31.49
N GLN A 689 1.46 20.16 -30.62
CA GLN A 689 0.07 20.15 -31.05
C GLN A 689 -0.74 21.14 -30.22
N GLU A 690 -1.72 21.77 -30.85
CA GLU A 690 -2.58 22.76 -30.22
C GLU A 690 -3.99 22.22 -30.17
N PHE A 691 -4.49 21.95 -28.96
CA PHE A 691 -5.82 21.41 -28.74
C PHE A 691 -6.74 22.52 -28.26
N GLU A 692 -7.81 22.78 -28.99
CA GLU A 692 -8.74 23.84 -28.64
C GLU A 692 -9.81 23.28 -27.70
N VAL A 693 -9.98 23.93 -26.55
CA VAL A 693 -10.92 23.49 -25.54
C VAL A 693 -11.79 24.67 -25.12
N THR A 694 -12.89 24.34 -24.47
CA THR A 694 -13.82 25.33 -23.93
C THR A 694 -13.68 25.34 -22.41
N VAL A 695 -13.49 26.53 -21.84
CA VAL A 695 -13.32 26.69 -20.40
C VAL A 695 -14.65 26.41 -19.70
N PRO A 696 -14.70 25.53 -18.69
CA PRO A 696 -15.96 25.23 -18.02
C PRO A 696 -16.43 26.35 -17.12
N ASP A 697 -17.58 26.15 -16.49
CA ASP A 697 -18.25 27.21 -15.76
C ASP A 697 -17.81 27.33 -14.31
N SER A 698 -16.86 26.52 -13.86
CA SER A 698 -16.38 26.62 -12.49
C SER A 698 -15.44 27.81 -12.36
N ILE A 699 -15.67 28.63 -11.34
CA ILE A 699 -14.83 29.79 -11.06
C ILE A 699 -13.68 29.29 -10.18
N THR A 700 -12.60 28.87 -10.83
CA THR A 700 -11.47 28.25 -10.15
C THR A 700 -10.24 28.36 -11.04
N SER A 701 -9.16 27.71 -10.62
CA SER A 701 -7.97 27.57 -11.43
C SER A 701 -7.83 26.12 -11.86
N TRP A 702 -7.56 25.91 -13.15
CA TRP A 702 -7.39 24.58 -13.71
C TRP A 702 -5.91 24.29 -13.82
N VAL A 703 -5.49 23.18 -13.21
CA VAL A 703 -4.09 22.78 -13.11
C VAL A 703 -3.86 21.65 -14.10
N ALA A 704 -2.87 21.81 -14.98
CA ALA A 704 -2.58 20.86 -16.03
C ALA A 704 -1.19 20.28 -15.84
N THR A 705 -1.10 18.96 -15.93
CA THR A 705 0.16 18.22 -15.96
C THR A 705 0.05 17.14 -17.02
N GLY A 706 1.17 16.47 -17.28
CA GLY A 706 1.13 15.44 -18.29
C GLY A 706 2.44 14.68 -18.36
N PHE A 707 2.41 13.61 -19.15
CA PHE A 707 3.58 12.78 -19.38
C PHE A 707 3.63 12.39 -20.84
N VAL A 708 4.86 12.13 -21.31
CA VAL A 708 5.11 11.74 -22.69
C VAL A 708 5.88 10.43 -22.65
N ILE A 709 5.60 9.54 -23.60
CA ILE A 709 6.33 8.28 -23.73
C ILE A 709 6.74 8.13 -25.19
N SER A 710 8.04 7.95 -25.40
CA SER A 710 8.58 7.65 -26.72
C SER A 710 9.44 6.40 -26.61
N GLU A 711 9.60 5.71 -27.74
CA GLU A 711 10.34 4.46 -27.76
C GLU A 711 11.84 4.68 -27.63
N ASP A 712 12.35 5.81 -28.11
CA ASP A 712 13.78 6.06 -28.05
C ASP A 712 14.18 6.63 -26.69
N LEU A 713 13.47 7.65 -26.23
CA LEU A 713 13.86 8.35 -25.01
C LEU A 713 13.22 7.76 -23.76
N GLY A 714 12.00 7.24 -23.86
CA GLY A 714 11.34 6.65 -22.71
C GLY A 714 10.26 7.53 -22.12
N LEU A 715 10.26 7.65 -20.80
CA LEU A 715 9.26 8.44 -20.09
C LEU A 715 9.77 9.86 -19.89
N GLY A 716 8.86 10.84 -19.99
CA GLY A 716 9.17 12.21 -19.69
C GLY A 716 8.02 12.89 -18.97
N LEU A 717 8.33 13.76 -18.01
CA LEU A 717 7.31 14.38 -17.18
C LEU A 717 7.41 15.90 -17.28
N THR A 718 6.29 16.56 -17.01
CA THR A 718 6.28 18.01 -16.93
C THR A 718 6.95 18.46 -15.64
N THR A 719 7.75 19.52 -15.75
CA THR A 719 8.51 20.00 -14.59
C THR A 719 7.63 20.70 -13.57
N THR A 720 6.71 21.54 -14.04
CA THR A 720 5.81 22.26 -13.17
C THR A 720 4.38 22.15 -13.68
N PRO A 721 3.40 22.11 -12.79
CA PRO A 721 2.00 22.23 -13.22
C PRO A 721 1.71 23.62 -13.76
N VAL A 722 0.86 23.67 -14.78
CA VAL A 722 0.56 24.91 -15.48
C VAL A 722 -0.89 25.28 -15.20
N GLU A 723 -1.11 26.50 -14.73
CA GLU A 723 -2.41 26.92 -14.20
C GLU A 723 -3.09 27.91 -15.14
N LEU A 724 -4.37 27.69 -15.38
CA LEU A 724 -5.22 28.64 -16.09
C LEU A 724 -6.30 29.15 -15.13
N GLN A 725 -6.41 30.46 -15.00
CA GLN A 725 -7.34 31.05 -14.05
C GLN A 725 -8.66 31.34 -14.73
N ALA A 726 -9.70 30.58 -14.37
CA ALA A 726 -11.05 30.81 -14.87
C ALA A 726 -11.77 31.71 -13.88
N PHE A 727 -11.89 32.98 -14.21
CA PHE A 727 -12.39 33.97 -13.26
C PHE A 727 -13.17 35.05 -13.99
N GLN A 728 -14.27 35.47 -13.39
CA GLN A 728 -15.05 36.63 -13.81
C GLN A 728 -15.28 37.52 -12.61
N PRO A 729 -15.37 38.84 -12.80
CA PRO A 729 -15.42 39.76 -11.64
C PRO A 729 -16.74 39.77 -10.88
N PHE A 730 -17.79 39.10 -11.36
CA PHE A 730 -19.09 39.10 -10.70
C PHE A 730 -19.69 37.72 -10.84
N PHE A 731 -19.82 36.99 -9.73
CA PHE A 731 -20.32 35.61 -9.85
C PHE A 731 -21.11 35.23 -8.61
N ILE A 732 -21.69 34.03 -8.66
CA ILE A 732 -22.59 33.50 -7.64
C ILE A 732 -21.98 32.21 -7.10
N PHE A 733 -22.02 32.05 -5.79
CA PHE A 733 -21.57 30.82 -5.13
C PHE A 733 -22.69 30.31 -4.25
N LEU A 734 -23.08 29.05 -4.45
CA LEU A 734 -24.13 28.43 -3.65
C LEU A 734 -23.48 27.54 -2.60
N ASN A 735 -23.69 27.87 -1.32
CA ASN A 735 -23.16 27.05 -0.23
C ASN A 735 -24.05 25.84 -0.09
N LEU A 736 -23.68 24.75 -0.74
CA LEU A 736 -24.53 23.58 -0.79
C LEU A 736 -23.88 22.40 -0.08
N PRO A 737 -24.65 21.62 0.67
CA PRO A 737 -24.15 20.34 1.17
C PRO A 737 -24.23 19.28 0.09
N TYR A 738 -23.70 18.10 0.40
CA TYR A 738 -23.76 17.00 -0.56
C TYR A 738 -25.17 16.43 -0.66
N SER A 739 -25.81 16.19 0.47
CA SER A 739 -27.10 15.51 0.49
C SER A 739 -28.06 16.21 1.42
N VAL A 740 -29.28 16.46 0.93
CA VAL A 740 -30.37 16.97 1.73
C VAL A 740 -31.43 15.88 1.81
N ILE A 741 -32.11 15.79 2.95
CA ILE A 741 -33.22 14.86 3.08
C ILE A 741 -34.50 15.55 2.63
N ARG A 742 -35.38 14.77 1.99
CA ARG A 742 -36.60 15.32 1.41
C ARG A 742 -37.60 15.69 2.49
N GLY A 743 -38.17 16.89 2.38
CA GLY A 743 -39.11 17.39 3.35
C GLY A 743 -38.50 18.29 4.41
N GLU A 744 -37.19 18.29 4.53
CA GLU A 744 -36.52 19.14 5.52
C GLU A 744 -36.25 20.51 4.93
N GLU A 745 -36.64 21.54 5.67
CA GLU A 745 -36.45 22.92 5.23
C GLU A 745 -35.01 23.32 5.50
N PHE A 746 -34.22 23.51 4.45
CA PHE A 746 -32.83 23.88 4.60
C PHE A 746 -32.59 25.26 4.00
N ALA A 747 -31.66 26.00 4.60
CA ALA A 747 -31.40 27.38 4.21
C ALA A 747 -30.31 27.39 3.15
N LEU A 748 -30.71 27.58 1.89
CA LEU A 748 -29.75 27.78 0.82
C LEU A 748 -29.08 29.14 0.98
N GLU A 749 -27.75 29.14 1.00
CA GLU A 749 -26.97 30.36 1.16
C GLU A 749 -26.41 30.76 -0.20
N ILE A 750 -26.91 31.87 -0.73
CA ILE A 750 -26.46 32.39 -2.01
C ILE A 750 -25.50 33.54 -1.73
N THR A 751 -24.26 33.40 -2.15
CA THR A 751 -23.22 34.39 -1.93
C THR A 751 -22.89 35.05 -3.26
N ILE A 752 -23.24 36.32 -3.39
CA ILE A 752 -22.89 37.11 -4.55
C ILE A 752 -21.51 37.70 -4.32
N PHE A 753 -20.55 37.33 -5.17
CA PHE A 753 -19.20 37.85 -5.09
C PHE A 753 -19.03 38.92 -6.15
N ASN A 754 -18.76 40.15 -5.71
CA ASN A 754 -18.54 41.28 -6.58
C ASN A 754 -17.09 41.72 -6.43
N TYR A 755 -16.33 41.65 -7.53
CA TYR A 755 -14.94 42.05 -7.54
C TYR A 755 -14.70 43.27 -8.43
N LEU A 756 -15.73 44.07 -8.65
CA LEU A 756 -15.57 45.32 -9.37
C LEU A 756 -15.14 46.42 -8.42
N LYS A 757 -15.06 47.65 -8.92
CA LYS A 757 -14.56 48.76 -8.13
C LYS A 757 -15.67 49.55 -7.42
N ASP A 758 -16.92 49.12 -7.53
CA ASP A 758 -18.04 49.83 -6.93
C ASP A 758 -18.96 48.86 -6.21
N ALA A 759 -19.61 49.35 -5.16
CA ALA A 759 -20.62 48.58 -4.47
C ALA A 759 -21.90 48.58 -5.29
N THR A 760 -22.46 47.40 -5.52
CA THR A 760 -23.58 47.24 -6.44
C THR A 760 -24.81 46.72 -5.71
N GLU A 761 -25.98 47.22 -6.14
CA GLU A 761 -27.26 46.70 -5.68
C GLU A 761 -27.64 45.53 -6.57
N VAL A 762 -27.68 44.34 -6.00
CA VAL A 762 -27.84 43.09 -6.74
C VAL A 762 -29.21 42.50 -6.40
N LYS A 763 -29.98 42.18 -7.44
CA LYS A 763 -31.23 41.46 -7.29
C LYS A 763 -30.97 39.98 -7.58
N VAL A 764 -31.28 39.12 -6.62
CA VAL A 764 -31.09 37.69 -6.74
C VAL A 764 -32.45 37.06 -7.01
N ILE A 765 -32.55 36.33 -8.12
CA ILE A 765 -33.80 35.72 -8.56
C ILE A 765 -33.57 34.22 -8.64
N ILE A 766 -34.38 33.46 -7.91
CA ILE A 766 -34.34 32.00 -7.97
C ILE A 766 -35.52 31.52 -8.81
N GLU A 767 -35.24 30.64 -9.75
CA GLU A 767 -36.28 30.19 -10.67
C GLU A 767 -37.16 29.14 -10.03
N LYS A 768 -38.44 29.18 -10.38
CA LYS A 768 -39.41 28.24 -9.83
C LYS A 768 -39.20 26.84 -10.41
N SER A 769 -39.52 25.84 -9.60
CA SER A 769 -39.53 24.45 -10.04
C SER A 769 -40.56 23.70 -9.22
N ASP A 770 -41.03 22.58 -9.79
CA ASP A 770 -41.98 21.73 -9.10
C ASP A 770 -41.31 20.76 -8.14
N LYS A 771 -39.98 20.69 -8.14
CA LYS A 771 -39.26 19.74 -7.30
C LYS A 771 -38.91 20.29 -5.93
N PHE A 772 -39.04 21.59 -5.70
CA PHE A 772 -38.81 22.16 -4.38
C PHE A 772 -39.71 23.37 -4.21
N ASP A 773 -39.91 23.76 -2.95
CA ASP A 773 -40.77 24.88 -2.60
C ASP A 773 -39.97 25.93 -1.85
N ILE A 774 -40.25 27.18 -2.15
CA ILE A 774 -39.64 28.32 -1.48
C ILE A 774 -40.59 28.79 -0.39
N LEU A 775 -40.11 28.81 0.86
CA LEU A 775 -41.00 28.98 2.00
C LEU A 775 -41.49 30.42 2.13
N MET A 776 -40.58 31.38 2.01
CA MET A 776 -40.99 32.78 2.11
C MET A 776 -41.65 33.24 0.82
N THR A 777 -42.60 34.16 0.96
CA THR A 777 -43.42 34.60 -0.16
C THR A 777 -42.86 35.88 -0.77
N SER A 778 -43.31 36.14 -1.99
CA SER A 778 -42.96 37.35 -2.73
C SER A 778 -44.17 38.26 -2.85
N ASN A 779 -43.97 39.41 -3.49
CA ASN A 779 -45.06 40.37 -3.67
C ASN A 779 -46.04 39.91 -4.73
N GLU A 780 -45.57 39.24 -5.77
CA GLU A 780 -46.43 38.78 -6.85
C GLU A 780 -47.06 37.43 -6.52
N ILE A 781 -48.12 37.10 -7.27
CA ILE A 781 -48.81 35.83 -7.10
C ILE A 781 -48.39 34.80 -8.14
N ASN A 782 -47.65 35.21 -9.19
CA ASN A 782 -47.16 34.28 -10.20
C ASN A 782 -46.08 33.36 -9.64
N ALA A 783 -45.28 33.84 -8.69
CA ALA A 783 -44.22 33.04 -8.09
C ALA A 783 -44.01 33.46 -6.65
N THR A 784 -43.81 32.47 -5.78
CA THR A 784 -43.51 32.73 -4.38
C THR A 784 -42.00 32.67 -4.16
N GLY A 785 -41.47 33.65 -3.45
CA GLY A 785 -40.04 33.76 -3.20
C GLY A 785 -39.23 33.99 -4.47
N HIS A 786 -39.72 34.83 -5.36
CA HIS A 786 -39.13 34.95 -6.69
C HIS A 786 -37.81 35.74 -6.66
N GLN A 787 -37.73 36.78 -5.83
CA GLN A 787 -36.55 37.63 -5.87
C GLN A 787 -36.28 38.25 -4.51
N GLN A 788 -35.03 38.66 -4.33
CA GLN A 788 -34.59 39.42 -3.16
C GLN A 788 -33.61 40.48 -3.63
N THR A 789 -33.43 41.52 -2.83
CA THR A 789 -32.53 42.61 -3.15
C THR A 789 -31.52 42.78 -2.03
N LEU A 790 -30.25 42.96 -2.40
CA LEU A 790 -29.21 43.16 -1.41
C LEU A 790 -28.14 44.05 -2.00
N LEU A 791 -27.21 44.50 -1.14
CA LEU A 791 -26.12 45.37 -1.54
C LEU A 791 -24.80 44.65 -1.29
N VAL A 792 -24.00 44.52 -2.33
CA VAL A 792 -22.71 43.83 -2.25
C VAL A 792 -21.60 44.88 -2.37
N PRO A 793 -20.66 44.92 -1.43
CA PRO A 793 -19.57 45.91 -1.53
C PRO A 793 -18.56 45.52 -2.59
N SER A 794 -17.68 46.46 -2.90
CA SER A 794 -16.63 46.23 -3.87
C SER A 794 -15.55 45.31 -3.30
N GLU A 795 -15.07 44.39 -4.15
CA GLU A 795 -14.06 43.37 -3.83
C GLU A 795 -14.45 42.52 -2.62
N ASP A 796 -15.73 42.13 -2.56
CA ASP A 796 -16.25 41.42 -1.40
C ASP A 796 -17.45 40.59 -1.83
N GLY A 797 -18.00 39.84 -0.87
CA GLY A 797 -19.17 39.03 -1.12
C GLY A 797 -20.25 39.33 -0.11
N ALA A 798 -21.47 38.99 -0.49
CA ALA A 798 -22.63 39.17 0.38
C ALA A 798 -23.49 37.92 0.32
N THR A 799 -24.25 37.67 1.39
CA THR A 799 -24.95 36.41 1.56
C THR A 799 -26.44 36.66 1.76
N VAL A 800 -27.26 35.90 1.05
CA VAL A 800 -28.71 35.96 1.18
C VAL A 800 -29.23 34.54 1.39
N LEU A 801 -30.12 34.38 2.37
CA LEU A 801 -30.69 33.08 2.70
C LEU A 801 -32.01 32.87 1.96
N PHE A 802 -32.23 31.63 1.52
CA PHE A 802 -33.50 31.23 0.91
C PHE A 802 -33.93 29.92 1.55
N PRO A 803 -35.06 29.88 2.26
CA PRO A 803 -35.54 28.60 2.81
C PRO A 803 -36.12 27.73 1.70
N ILE A 804 -35.54 26.57 1.50
CA ILE A 804 -35.92 25.65 0.43
C ILE A 804 -36.33 24.33 1.05
N ARG A 805 -37.53 23.85 0.69
CA ARG A 805 -37.97 22.52 1.09
C ARG A 805 -38.05 21.64 -0.15
N PRO A 806 -37.13 20.70 -0.34
CA PRO A 806 -37.23 19.80 -1.51
C PRO A 806 -38.35 18.78 -1.32
N THR A 807 -38.97 18.41 -2.44
CA THR A 807 -40.07 17.46 -2.42
C THR A 807 -39.89 16.29 -3.38
N HIS A 808 -38.75 16.17 -4.04
CA HIS A 808 -38.52 15.09 -5.00
C HIS A 808 -37.16 14.46 -4.74
N LEU A 809 -37.07 13.16 -5.03
CA LEU A 809 -35.84 12.42 -4.87
C LEU A 809 -34.87 12.72 -6.01
N GLY A 810 -33.61 12.34 -5.82
CA GLY A 810 -32.65 12.42 -6.90
C GLY A 810 -32.01 13.79 -7.03
N GLU A 811 -31.52 14.07 -8.24
CA GLU A 811 -30.85 15.34 -8.51
C GLU A 811 -31.86 16.38 -8.94
N ILE A 812 -31.79 17.56 -8.32
CA ILE A 812 -32.73 18.65 -8.55
C ILE A 812 -31.94 19.87 -8.99
N PRO A 813 -32.30 20.52 -10.08
CA PRO A 813 -31.59 21.74 -10.49
C PRO A 813 -32.12 23.00 -9.82
N ILE A 814 -31.18 23.87 -9.46
CA ILE A 814 -31.48 25.20 -8.92
C ILE A 814 -30.86 26.22 -9.85
N THR A 815 -31.66 27.18 -10.31
CA THR A 815 -31.19 28.24 -11.18
C THR A 815 -31.27 29.57 -10.43
N VAL A 816 -30.12 30.22 -10.27
CA VAL A 816 -30.02 31.48 -9.54
C VAL A 816 -29.43 32.52 -10.49
N THR A 817 -30.13 33.64 -10.64
CA THR A 817 -29.71 34.73 -11.52
C THR A 817 -29.48 35.99 -10.68
N ALA A 818 -28.28 36.53 -10.73
CA ALA A 818 -27.97 37.80 -10.09
C ALA A 818 -27.92 38.88 -11.15
N LEU A 819 -28.71 39.95 -10.94
CA LEU A 819 -28.79 41.05 -11.87
C LEU A 819 -28.33 42.33 -11.17
N SER A 820 -27.45 43.07 -11.82
CA SER A 820 -26.95 44.34 -11.34
C SER A 820 -26.92 45.29 -12.53
N PRO A 821 -26.90 46.61 -12.29
CA PRO A 821 -26.69 47.56 -13.40
C PRO A 821 -25.33 47.45 -14.08
N THR A 822 -24.32 46.90 -13.42
CA THR A 822 -22.99 46.77 -14.01
C THR A 822 -22.73 45.42 -14.63
N ALA A 823 -23.18 44.33 -14.01
CA ALA A 823 -22.91 42.99 -14.51
C ALA A 823 -24.07 42.07 -14.14
N SER A 824 -23.96 40.81 -14.55
CA SER A 824 -24.99 39.82 -14.27
C SER A 824 -24.37 38.43 -14.31
N ASP A 825 -25.05 37.48 -13.68
CA ASP A 825 -24.61 36.09 -13.67
C ASP A 825 -25.81 35.17 -13.51
N ALA A 826 -25.63 33.91 -13.91
CA ALA A 826 -26.65 32.89 -13.74
C ALA A 826 -25.98 31.55 -13.56
N VAL A 827 -26.46 30.77 -12.59
CA VAL A 827 -25.84 29.48 -12.25
C VAL A 827 -26.94 28.44 -12.08
N THR A 828 -26.72 27.26 -12.66
CA THR A 828 -27.61 26.12 -12.46
C THR A 828 -26.80 25.00 -11.82
N GLN A 829 -27.23 24.56 -10.64
CA GLN A 829 -26.49 23.58 -9.87
C GLN A 829 -27.41 22.47 -9.37
N MET A 830 -26.83 21.29 -9.18
CA MET A 830 -27.59 20.11 -8.79
C MET A 830 -27.49 19.92 -7.28
N ILE A 831 -28.63 19.65 -6.64
CA ILE A 831 -28.66 19.15 -5.27
C ILE A 831 -29.09 17.69 -5.31
N LEU A 832 -28.38 16.85 -4.59
CA LEU A 832 -28.77 15.45 -4.43
C LEU A 832 -29.69 15.37 -3.22
N VAL A 833 -30.98 15.14 -3.47
CA VAL A 833 -31.97 15.06 -2.41
C VAL A 833 -32.28 13.60 -2.17
N LYS A 834 -31.93 13.11 -0.98
CA LYS A 834 -32.21 11.75 -0.58
C LYS A 834 -33.53 11.70 0.19
N ALA A 835 -33.91 10.52 0.64
CA ALA A 835 -35.18 10.32 1.31
C ALA A 835 -35.00 10.30 2.83
N GLU A 836 -36.05 10.69 3.52
CA GLU A 836 -36.03 10.77 4.97
C GLU A 836 -36.21 9.40 5.61
N GLY A 837 -36.03 9.35 6.92
CA GLY A 837 -36.22 8.13 7.67
C GLY A 837 -34.91 7.44 8.01
N ILE A 838 -35.05 6.17 8.42
CA ILE A 838 -33.92 5.34 8.82
C ILE A 838 -33.70 4.29 7.74
N GLU A 839 -32.46 4.13 7.31
CA GLU A 839 -32.13 3.19 6.25
C GLU A 839 -32.00 1.77 6.80
N LYS A 840 -32.70 0.84 6.16
CA LYS A 840 -32.63 -0.58 6.51
C LYS A 840 -32.27 -1.36 5.26
N SER A 841 -31.53 -2.45 5.45
CA SER A 841 -31.06 -3.28 4.35
C SER A 841 -31.41 -4.72 4.61
N TYR A 842 -31.86 -5.41 3.56
CA TYR A 842 -32.15 -6.83 3.58
C TYR A 842 -31.39 -7.49 2.45
N SER A 843 -30.93 -8.71 2.67
CA SER A 843 -30.21 -9.42 1.63
C SER A 843 -30.43 -10.91 1.78
N GLN A 844 -30.87 -11.55 0.71
CA GLN A 844 -31.14 -12.98 0.70
C GLN A 844 -30.31 -13.65 -0.38
N SER A 845 -29.60 -14.72 -0.03
CA SER A 845 -28.69 -15.38 -0.94
C SER A 845 -29.20 -16.78 -1.27
N ILE A 846 -29.10 -17.14 -2.54
CA ILE A 846 -29.52 -18.45 -3.04
C ILE A 846 -28.38 -19.02 -3.86
N LEU A 847 -27.93 -20.23 -3.49
CA LEU A 847 -26.96 -20.96 -4.29
C LEU A 847 -27.70 -21.83 -5.29
N LEU A 848 -27.37 -21.68 -6.56
CA LEU A 848 -27.88 -22.56 -7.60
C LEU A 848 -26.77 -23.55 -7.97
N ASP A 849 -27.03 -24.82 -7.73
CA ASP A 849 -26.03 -25.88 -7.91
C ASP A 849 -26.34 -26.64 -9.18
N LEU A 850 -25.36 -26.74 -10.07
CA LEU A 850 -25.47 -27.49 -11.31
C LEU A 850 -24.26 -28.40 -11.50
N THR A 851 -23.64 -28.81 -10.39
CA THR A 851 -22.43 -29.63 -10.47
C THR A 851 -22.75 -31.07 -10.85
N ASP A 852 -23.97 -31.52 -10.60
CA ASP A 852 -24.41 -32.82 -11.07
C ASP A 852 -24.86 -32.71 -12.51
N ASN A 853 -24.40 -33.64 -13.34
CA ASN A 853 -24.69 -33.61 -14.77
C ASN A 853 -26.01 -34.29 -15.14
N ARG A 854 -26.73 -34.86 -14.18
CA ARG A 854 -28.11 -35.28 -14.44
C ARG A 854 -29.02 -34.08 -14.69
N LEU A 855 -28.93 -33.05 -13.86
CA LEU A 855 -29.79 -31.89 -14.00
C LEU A 855 -29.03 -30.77 -14.69
N GLN A 856 -29.77 -29.95 -15.43
CA GLN A 856 -29.20 -28.85 -16.19
C GLN A 856 -29.87 -27.51 -15.98
N SER A 857 -31.13 -27.47 -15.55
CA SER A 857 -31.82 -26.22 -15.28
C SER A 857 -32.33 -26.25 -13.84
N THR A 858 -32.04 -25.19 -13.10
CA THR A 858 -32.48 -25.06 -11.72
C THR A 858 -33.24 -23.75 -11.56
N LEU A 859 -34.47 -23.83 -11.06
CA LEU A 859 -35.32 -22.66 -10.88
C LEU A 859 -35.54 -22.42 -9.39
N LYS A 860 -35.27 -21.20 -8.94
CA LYS A 860 -35.46 -20.78 -7.57
C LYS A 860 -36.26 -19.49 -7.53
N THR A 861 -36.88 -19.22 -6.38
CA THR A 861 -37.70 -18.04 -6.21
C THR A 861 -37.18 -17.23 -5.03
N LEU A 862 -37.10 -15.91 -5.21
CA LEU A 862 -36.66 -15.01 -4.15
C LEU A 862 -37.72 -13.93 -3.96
N SER A 863 -38.24 -13.81 -2.75
CA SER A 863 -39.33 -12.88 -2.48
C SER A 863 -39.03 -12.04 -1.24
N PHE A 864 -39.56 -10.81 -1.26
CA PHE A 864 -39.46 -9.92 -0.12
C PHE A 864 -40.64 -8.95 -0.15
N SER A 865 -41.23 -8.72 1.02
CA SER A 865 -42.34 -7.79 1.17
C SER A 865 -41.89 -6.60 2.01
N PHE A 866 -42.21 -5.40 1.56
CA PHE A 866 -41.80 -4.19 2.25
C PHE A 866 -42.65 -3.98 3.50
N PRO A 867 -42.07 -3.35 4.53
CA PRO A 867 -42.87 -2.99 5.71
C PRO A 867 -43.84 -1.88 5.37
N PRO A 868 -44.96 -1.78 6.11
CA PRO A 868 -45.96 -0.75 5.78
C PRO A 868 -45.54 0.67 6.11
N ASN A 869 -44.49 0.87 6.92
CA ASN A 869 -44.01 2.21 7.24
C ASN A 869 -42.83 2.62 6.37
N THR A 870 -42.74 2.08 5.16
CA THR A 870 -41.66 2.40 4.25
C THR A 870 -41.89 3.75 3.60
N VAL A 871 -40.84 4.56 3.54
CA VAL A 871 -40.91 5.85 2.85
C VAL A 871 -40.98 5.61 1.35
N THR A 872 -41.96 6.24 0.70
CA THR A 872 -42.21 6.01 -0.72
C THR A 872 -41.12 6.64 -1.58
N GLY A 873 -40.65 5.89 -2.57
CA GLY A 873 -39.60 6.33 -3.45
C GLY A 873 -38.19 6.02 -2.97
N SER A 874 -38.05 5.51 -1.76
CA SER A 874 -36.74 5.19 -1.20
C SER A 874 -36.32 3.74 -1.44
N GLU A 875 -37.18 2.94 -2.05
CA GLU A 875 -36.89 1.52 -2.22
C GLU A 875 -35.94 1.30 -3.38
N ARG A 876 -34.89 0.51 -3.14
CA ARG A 876 -33.92 0.15 -4.16
C ARG A 876 -33.73 -1.37 -4.13
N VAL A 877 -33.90 -2.01 -5.28
CA VAL A 877 -33.78 -3.46 -5.39
C VAL A 877 -32.64 -3.76 -6.36
N GLN A 878 -31.65 -4.49 -5.89
CA GLN A 878 -30.52 -4.93 -6.69
C GLN A 878 -30.41 -6.44 -6.63
N ILE A 879 -29.86 -7.04 -7.67
CA ILE A 879 -29.57 -8.46 -7.66
C ILE A 879 -28.16 -8.69 -8.21
N THR A 880 -27.35 -9.40 -7.45
CA THR A 880 -25.98 -9.72 -7.83
C THR A 880 -25.86 -11.22 -8.10
N ALA A 881 -25.03 -11.56 -9.08
CA ALA A 881 -24.70 -12.93 -9.39
C ALA A 881 -23.19 -13.08 -9.39
N ILE A 882 -22.71 -14.13 -8.74
CA ILE A 882 -21.29 -14.45 -8.74
C ILE A 882 -21.14 -15.94 -9.02
N GLY A 883 -19.97 -16.32 -9.52
CA GLY A 883 -19.73 -17.70 -9.87
C GLY A 883 -18.80 -18.39 -8.89
N ASP A 884 -18.11 -17.59 -8.08
CA ASP A 884 -17.19 -18.11 -7.08
C ASP A 884 -17.08 -17.08 -5.97
N VAL A 885 -16.78 -17.55 -4.78
CA VAL A 885 -16.67 -16.69 -3.61
C VAL A 885 -15.28 -16.10 -3.54
N LEU A 886 -15.18 -14.93 -2.92
CA LEU A 886 -13.88 -14.33 -2.62
C LEU A 886 -13.22 -15.11 -1.50
N GLY A 887 -12.02 -15.61 -1.75
CA GLY A 887 -11.31 -16.39 -0.77
C GLY A 887 -10.10 -15.66 -0.23
N PRO A 888 -9.29 -16.36 0.57
CA PRO A 888 -8.01 -15.78 0.98
C PRO A 888 -7.04 -15.65 -0.17
N SER A 889 -6.29 -14.55 -0.17
CA SER A 889 -5.34 -14.30 -1.24
C SER A 889 -4.11 -15.19 -1.07
N ILE A 890 -3.59 -15.67 -2.21
CA ILE A 890 -2.53 -16.67 -2.20
C ILE A 890 -1.17 -16.04 -1.86
N ASN A 891 -1.02 -14.73 -2.13
CA ASN A 891 0.26 -14.06 -1.89
C ASN A 891 0.57 -13.92 -0.40
N GLY A 892 -0.45 -13.61 0.40
CA GLY A 892 -0.26 -13.60 1.84
C GLY A 892 -0.19 -14.98 2.45
N LEU A 893 -0.95 -15.94 1.88
CA LEU A 893 -0.99 -17.30 2.41
C LEU A 893 0.35 -18.02 2.22
N ALA A 894 1.09 -17.69 1.17
CA ALA A 894 2.44 -18.19 1.01
C ALA A 894 3.39 -17.65 2.07
N SER A 895 3.09 -16.49 2.67
CA SER A 895 3.82 -16.03 3.82
C SER A 895 3.40 -16.75 5.11
N LEU A 896 2.29 -17.47 5.09
CA LEU A 896 1.81 -18.17 6.27
C LEU A 896 2.38 -19.57 6.41
N ILE A 897 3.13 -20.04 5.43
CA ILE A 897 3.79 -21.35 5.49
C ILE A 897 5.17 -21.18 6.10
N ARG A 898 5.52 -22.03 7.06
CA ARG A 898 6.73 -21.82 7.84
C ARG A 898 7.35 -23.15 8.24
N MET A 899 8.57 -23.07 8.77
CA MET A 899 9.29 -24.19 9.35
C MET A 899 8.63 -24.62 10.65
N PRO A 900 8.34 -25.91 10.83
CA PRO A 900 7.96 -26.40 12.17
C PRO A 900 9.17 -26.41 13.10
N TYR A 901 9.07 -25.66 14.20
CA TYR A 901 10.16 -25.56 15.17
C TYR A 901 9.60 -25.51 16.58
N GLY A 902 10.51 -25.37 17.55
CA GLY A 902 10.13 -25.16 18.93
C GLY A 902 9.70 -26.44 19.64
N CYS A 903 8.86 -26.25 20.65
CA CYS A 903 8.26 -27.35 21.38
C CYS A 903 7.10 -27.94 20.58
N GLY A 904 6.43 -28.95 21.16
CA GLY A 904 5.40 -29.68 20.43
C GLY A 904 4.15 -28.86 20.15
N GLU A 905 3.77 -28.00 21.09
CA GLU A 905 2.68 -27.06 20.83
C GLU A 905 3.10 -26.00 19.81
N GLN A 906 4.35 -25.54 19.88
CA GLN A 906 4.88 -24.66 18.86
C GLN A 906 5.06 -25.39 17.52
N ASN A 907 5.35 -26.70 17.58
CA ASN A 907 5.38 -27.52 16.38
C ASN A 907 4.01 -27.59 15.72
N MET A 908 2.94 -27.71 16.52
CA MET A 908 1.60 -27.70 15.95
C MET A 908 1.20 -26.33 15.44
N ILE A 909 1.63 -25.26 16.11
CA ILE A 909 1.36 -23.89 15.68
C ILE A 909 2.02 -23.62 14.32
N ASN A 910 3.23 -24.09 14.14
CA ASN A 910 3.90 -23.94 12.85
C ASN A 910 3.62 -25.08 11.87
N PHE A 911 2.83 -26.08 12.26
CA PHE A 911 2.60 -27.27 11.45
C PHE A 911 1.19 -27.35 10.87
N ALA A 912 0.15 -27.26 11.69
CA ALA A 912 -1.25 -27.42 11.27
C ALA A 912 -1.78 -26.41 10.22
N PRO A 913 -1.51 -25.08 10.31
CA PRO A 913 -1.96 -24.21 9.21
C PRO A 913 -1.31 -24.47 7.87
N ASN A 914 -0.11 -25.07 7.85
CA ASN A 914 0.48 -25.53 6.59
C ASN A 914 -0.35 -26.64 5.97
N ILE A 915 -0.85 -27.58 6.78
CA ILE A 915 -1.68 -28.67 6.29
C ILE A 915 -3.00 -28.16 5.76
N TYR A 916 -3.65 -27.24 6.50
CA TYR A 916 -4.94 -26.75 6.04
C TYR A 916 -4.82 -25.79 4.86
N ILE A 917 -3.72 -25.04 4.75
CA ILE A 917 -3.46 -24.22 3.58
C ILE A 917 -3.17 -25.08 2.36
N LEU A 918 -2.39 -26.16 2.53
CA LEU A 918 -2.13 -27.08 1.42
C LEU A 918 -3.39 -27.77 0.95
N ASP A 919 -4.27 -28.16 1.88
CA ASP A 919 -5.56 -28.73 1.52
C ASP A 919 -6.45 -27.71 0.80
N TYR A 920 -6.37 -26.43 1.21
CA TYR A 920 -7.21 -25.40 0.59
C TYR A 920 -6.79 -25.10 -0.84
N LEU A 921 -5.50 -24.86 -1.10
CA LEU A 921 -5.08 -24.66 -2.49
C LEU A 921 -4.98 -25.95 -3.30
N THR A 922 -5.02 -27.12 -2.66
CA THR A 922 -5.23 -28.33 -3.43
C THR A 922 -6.67 -28.42 -3.91
N LYS A 923 -7.63 -28.05 -3.07
CA LYS A 923 -9.03 -28.12 -3.47
C LYS A 923 -9.49 -26.87 -4.22
N LYS A 924 -8.65 -25.85 -4.35
CA LYS A 924 -8.98 -24.67 -5.15
C LYS A 924 -8.26 -24.61 -6.48
N LYS A 925 -7.31 -25.54 -6.73
CA LYS A 925 -6.51 -25.66 -7.96
C LYS A 925 -5.72 -24.37 -8.25
N GLN A 926 -4.94 -23.93 -7.25
CA GLN A 926 -4.06 -22.78 -7.40
C GLN A 926 -2.72 -23.02 -6.72
N LEU A 927 -2.25 -24.27 -6.71
CA LEU A 927 -1.03 -24.64 -6.01
C LEU A 927 0.12 -24.77 -7.00
N THR A 928 1.16 -23.97 -6.81
CA THR A 928 2.36 -24.08 -7.62
C THR A 928 3.25 -25.21 -7.11
N ASP A 929 4.15 -25.68 -7.97
CA ASP A 929 4.90 -26.91 -7.69
C ASP A 929 6.02 -26.69 -6.68
N ASN A 930 6.66 -25.52 -6.73
CA ASN A 930 7.74 -25.24 -5.78
C ASN A 930 7.19 -25.04 -4.37
N LEU A 931 6.06 -24.34 -4.25
CA LEU A 931 5.37 -24.20 -2.97
C LEU A 931 4.84 -25.54 -2.49
N LYS A 932 4.44 -26.42 -3.40
CA LYS A 932 4.00 -27.76 -3.03
C LYS A 932 5.15 -28.59 -2.46
N GLU A 933 6.32 -28.55 -3.11
CA GLU A 933 7.46 -29.34 -2.63
C GLU A 933 7.98 -28.80 -1.30
N LYS A 934 8.01 -27.48 -1.14
CA LYS A 934 8.32 -26.85 0.14
C LYS A 934 7.29 -27.22 1.20
N ALA A 935 6.03 -27.33 0.80
CA ALA A 935 4.95 -27.67 1.73
C ALA A 935 5.07 -29.09 2.26
N LEU A 936 5.21 -30.08 1.36
CA LEU A 936 5.38 -31.46 1.83
C LEU A 936 6.72 -31.71 2.51
N SER A 937 7.76 -30.93 2.19
CA SER A 937 8.98 -30.99 2.99
C SER A 937 8.71 -30.50 4.42
N PHE A 938 7.87 -29.47 4.56
CA PHE A 938 7.45 -29.02 5.89
C PHE A 938 6.60 -30.06 6.60
N MET A 939 5.75 -30.79 5.87
CA MET A 939 4.94 -31.84 6.52
C MET A 939 5.80 -32.99 7.00
N ARG A 940 6.80 -33.38 6.21
CA ARG A 940 7.71 -34.47 6.60
C ARG A 940 8.53 -34.09 7.83
N GLN A 941 9.08 -32.87 7.84
CA GLN A 941 9.91 -32.48 8.98
C GLN A 941 9.06 -32.18 10.22
N GLY A 942 7.85 -31.65 10.04
CA GLY A 942 6.95 -31.48 11.16
C GLY A 942 6.42 -32.79 11.71
N TYR A 943 6.22 -33.78 10.84
CA TYR A 943 5.82 -35.12 11.26
C TYR A 943 6.93 -35.79 12.06
N GLN A 944 8.19 -35.61 11.63
CA GLN A 944 9.31 -36.14 12.39
C GLN A 944 9.47 -35.43 13.73
N ARG A 945 9.29 -34.11 13.76
CA ARG A 945 9.41 -33.35 15.01
C ARG A 945 8.27 -33.67 15.97
N GLU A 946 7.07 -33.95 15.46
CA GLU A 946 5.99 -34.37 16.35
C GLU A 946 6.16 -35.81 16.80
N LEU A 947 6.75 -36.67 15.96
CA LEU A 947 7.04 -38.03 16.37
C LEU A 947 8.19 -38.11 17.38
N LEU A 948 9.00 -37.06 17.47
CA LEU A 948 9.94 -36.96 18.59
C LEU A 948 9.22 -36.85 19.94
N TYR A 949 8.01 -36.26 19.97
CA TYR A 949 7.29 -36.02 21.21
C TYR A 949 6.21 -37.06 21.48
N GLN A 950 6.43 -38.31 21.10
CA GLN A 950 5.49 -39.39 21.38
C GLN A 950 6.04 -40.27 22.50
N ARG A 951 5.19 -40.57 23.48
CA ARG A 951 5.58 -41.37 24.63
C ARG A 951 5.37 -42.85 24.35
N GLU A 952 5.48 -43.66 25.41
CA GLU A 952 5.36 -45.11 25.30
C GLU A 952 3.91 -45.59 25.31
N ASP A 953 2.97 -44.76 25.76
CA ASP A 953 1.56 -45.13 25.76
C ASP A 953 0.81 -44.55 24.56
N GLY A 954 1.52 -43.91 23.65
CA GLY A 954 0.91 -43.31 22.48
C GLY A 954 0.46 -41.88 22.66
N SER A 955 0.48 -41.35 23.88
CA SER A 955 0.04 -39.98 24.12
C SER A 955 1.10 -38.99 23.64
N PHE A 956 0.65 -37.75 23.45
CA PHE A 956 1.51 -36.69 22.95
C PHE A 956 1.46 -35.52 23.93
N SER A 957 2.58 -34.81 24.04
CA SER A 957 2.67 -33.64 24.90
C SER A 957 3.65 -32.66 24.29
N ALA A 958 3.85 -31.54 24.98
CA ALA A 958 4.76 -30.50 24.48
C ALA A 958 6.22 -30.92 24.66
N PHE A 959 6.56 -31.52 25.79
CA PHE A 959 7.92 -31.94 26.07
C PHE A 959 8.14 -33.43 25.90
N GLY A 960 7.12 -34.18 25.47
CA GLY A 960 7.27 -35.61 25.31
C GLY A 960 7.23 -36.36 26.62
N ASN A 961 8.33 -37.03 26.95
CA ASN A 961 8.41 -37.86 28.15
C ASN A 961 8.76 -37.08 29.42
N TYR A 962 9.07 -35.78 29.29
CA TYR A 962 9.45 -35.00 30.46
C TYR A 962 8.24 -34.67 31.33
N ASP A 963 7.11 -34.40 30.70
CA ASP A 963 5.88 -34.15 31.44
C ASP A 963 5.35 -35.47 32.02
N PRO A 964 4.71 -35.43 33.20
CA PRO A 964 4.28 -36.70 33.81
C PRO A 964 3.07 -37.33 33.16
N SER A 965 2.10 -36.53 32.69
CA SER A 965 0.89 -37.07 32.07
C SER A 965 0.59 -36.32 30.79
N GLY A 966 0.13 -37.06 29.77
CA GLY A 966 -0.16 -36.47 28.49
C GLY A 966 -1.58 -35.92 28.39
N SER A 967 -1.76 -35.01 27.43
CA SER A 967 -3.03 -34.34 27.24
C SER A 967 -3.91 -35.09 26.25
N THR A 968 -5.19 -35.24 26.59
CA THR A 968 -6.13 -35.86 25.66
C THR A 968 -6.45 -34.95 24.49
N TRP A 969 -6.51 -33.63 24.74
CA TRP A 969 -6.82 -32.67 23.69
C TRP A 969 -5.68 -32.55 22.69
N LEU A 970 -4.43 -32.56 23.18
CA LEU A 970 -3.28 -32.52 22.28
C LEU A 970 -3.14 -33.80 21.47
N SER A 971 -3.49 -34.95 22.06
CA SER A 971 -3.51 -36.20 21.32
C SER A 971 -4.62 -36.23 20.28
N ALA A 972 -5.77 -35.61 20.59
CA ALA A 972 -6.85 -35.50 19.60
C ALA A 972 -6.45 -34.58 18.45
N PHE A 973 -5.72 -33.50 18.76
CA PHE A 973 -5.21 -32.61 17.72
C PHE A 973 -4.15 -33.32 16.87
N VAL A 974 -3.34 -34.17 17.51
CA VAL A 974 -2.35 -35.00 16.81
C VAL A 974 -3.04 -35.95 15.85
N LEU A 975 -4.13 -36.59 16.31
CA LEU A 975 -4.87 -37.53 15.47
C LEU A 975 -5.56 -36.83 14.30
N ARG A 976 -6.12 -35.64 14.55
CA ARG A 976 -6.81 -34.88 13.50
C ARG A 976 -5.83 -34.38 12.44
N CYS A 977 -4.68 -33.82 12.85
CA CYS A 977 -3.71 -33.32 11.89
C CYS A 977 -3.02 -34.45 11.12
N PHE A 978 -2.74 -35.57 11.80
CA PHE A 978 -2.10 -36.70 11.12
C PHE A 978 -3.10 -37.43 10.23
N LEU A 979 -4.39 -37.34 10.55
CA LEU A 979 -5.40 -37.94 9.68
C LEU A 979 -5.64 -37.10 8.45
N GLU A 980 -5.57 -35.77 8.57
CA GLU A 980 -5.66 -34.94 7.38
C GLU A 980 -4.41 -35.07 6.51
N ALA A 981 -3.24 -35.20 7.13
CA ALA A 981 -1.98 -35.26 6.37
C ALA A 981 -1.77 -36.58 5.64
N ASP A 982 -2.57 -37.63 5.92
CA ASP A 982 -2.37 -38.96 5.37
C ASP A 982 -2.58 -39.10 3.85
N PRO A 983 -3.49 -38.37 3.18
CA PRO A 983 -3.40 -38.32 1.71
C PRO A 983 -2.18 -37.61 1.17
N TYR A 984 -1.50 -36.78 1.97
CA TYR A 984 -0.35 -36.01 1.51
C TYR A 984 0.99 -36.65 1.84
N ILE A 985 1.23 -37.00 3.11
CA ILE A 985 2.46 -37.69 3.46
C ILE A 985 2.12 -39.09 3.95
N ASP A 986 3.14 -39.89 4.25
CA ASP A 986 2.95 -41.24 4.77
C ASP A 986 2.87 -41.16 6.29
N ILE A 987 1.76 -41.67 6.84
CA ILE A 987 1.53 -41.70 8.29
C ILE A 987 1.51 -43.15 8.73
N ASP A 988 2.32 -43.47 9.73
CA ASP A 988 2.38 -44.83 10.24
C ASP A 988 1.14 -45.14 11.06
N GLN A 989 0.49 -46.27 10.74
CA GLN A 989 -0.79 -46.60 11.32
C GLN A 989 -0.69 -47.09 12.77
N ASN A 990 0.49 -47.54 13.20
CA ASN A 990 0.65 -47.97 14.59
C ASN A 990 0.63 -46.79 15.54
N VAL A 991 1.14 -45.63 15.10
CA VAL A 991 1.06 -44.40 15.88
C VAL A 991 -0.39 -43.96 16.05
N LEU A 992 -1.16 -44.04 14.95
CA LEU A 992 -2.57 -43.68 15.00
C LEU A 992 -3.39 -44.66 15.83
N HIS A 993 -3.05 -45.95 15.78
CA HIS A 993 -3.70 -46.95 16.61
C HIS A 993 -3.38 -46.77 18.09
N ARG A 994 -2.13 -46.37 18.39
CA ARG A 994 -1.75 -46.09 19.78
C ARG A 994 -2.47 -44.87 20.33
N THR A 995 -2.67 -43.84 19.49
CA THR A 995 -3.44 -42.69 19.93
C THR A 995 -4.92 -43.03 20.12
N TYR A 996 -5.46 -43.93 19.28
CA TYR A 996 -6.83 -44.42 19.47
C TYR A 996 -6.97 -45.12 20.80
N THR A 997 -6.03 -46.02 21.12
CA THR A 997 -6.15 -46.82 22.34
C THR A 997 -5.94 -45.96 23.59
N TRP A 998 -5.02 -44.99 23.53
CA TRP A 998 -4.82 -44.11 24.66
C TRP A 998 -5.98 -43.12 24.86
N LEU A 999 -6.61 -42.68 23.77
CA LEU A 999 -7.78 -41.82 23.92
C LEU A 999 -9.01 -42.60 24.38
N LYS A 1000 -9.14 -43.86 23.96
CA LYS A 1000 -10.25 -44.70 24.39
C LYS A 1000 -10.08 -45.21 25.82
N GLY A 1001 -8.84 -45.25 26.32
CA GLY A 1001 -8.64 -45.59 27.72
C GLY A 1001 -9.00 -44.50 28.71
N HIS A 1002 -9.27 -43.29 28.22
CA HIS A 1002 -9.65 -42.16 29.07
C HIS A 1002 -11.13 -41.84 28.92
N GLN A 1003 -11.96 -42.85 28.67
CA GLN A 1003 -13.40 -42.68 28.52
C GLN A 1003 -14.11 -43.32 29.70
N LYS A 1004 -15.07 -42.60 30.28
CA LYS A 1004 -15.83 -43.08 31.42
C LYS A 1004 -17.01 -43.92 30.94
N SER A 1005 -17.86 -44.35 31.87
CA SER A 1005 -18.99 -45.21 31.53
C SER A 1005 -20.09 -44.44 30.80
N ASN A 1006 -20.28 -43.17 31.13
CA ASN A 1006 -21.29 -42.36 30.47
C ASN A 1006 -20.82 -41.81 29.12
N GLY A 1007 -19.55 -41.97 28.79
CA GLY A 1007 -18.99 -41.39 27.59
C GLY A 1007 -18.25 -40.09 27.80
N GLU A 1008 -18.18 -39.60 29.04
CA GLU A 1008 -17.50 -38.35 29.33
C GLU A 1008 -15.98 -38.60 29.39
N PHE A 1009 -15.23 -37.70 28.77
CA PHE A 1009 -13.78 -37.75 28.71
C PHE A 1009 -13.18 -36.74 29.68
N TRP A 1010 -11.94 -37.00 30.08
CA TRP A 1010 -11.26 -36.18 31.07
C TRP A 1010 -9.80 -35.99 30.65
N ASP A 1011 -9.26 -34.82 30.99
CA ASP A 1011 -7.90 -34.47 30.60
C ASP A 1011 -6.98 -34.59 31.80
N PRO A 1012 -6.04 -35.54 31.82
CA PRO A 1012 -5.04 -35.58 32.88
C PRO A 1012 -3.80 -34.73 32.61
N GLY A 1013 -3.62 -34.25 31.38
CA GLY A 1013 -2.42 -33.55 30.99
C GLY A 1013 -2.54 -32.04 31.13
N ARG A 1014 -1.55 -31.36 30.53
CA ARG A 1014 -1.45 -29.90 30.60
C ARG A 1014 -1.13 -29.37 29.22
N VAL A 1015 -1.67 -28.20 28.91
CA VAL A 1015 -1.38 -27.48 27.67
C VAL A 1015 -0.75 -26.14 28.06
N ILE A 1016 0.45 -25.88 27.51
CA ILE A 1016 1.21 -24.70 27.91
C ILE A 1016 0.60 -23.44 27.31
N HIS A 1017 0.28 -23.46 26.02
CA HIS A 1017 -0.14 -22.26 25.31
C HIS A 1017 -1.56 -21.84 25.70
N SER A 1018 -1.76 -20.52 25.74
CA SER A 1018 -3.04 -19.98 26.17
C SER A 1018 -4.10 -20.15 25.09
N GLU A 1019 -3.81 -19.69 23.86
CA GLU A 1019 -4.80 -19.71 22.79
C GLU A 1019 -5.08 -21.12 22.26
N LEU A 1020 -4.18 -22.07 22.49
CA LEU A 1020 -4.53 -23.46 22.26
C LEU A 1020 -5.47 -23.99 23.33
N GLN A 1021 -5.32 -23.51 24.57
CA GLN A 1021 -6.17 -23.93 25.67
C GLN A 1021 -7.36 -22.98 25.86
N GLY A 1022 -7.40 -21.89 25.09
CA GLY A 1022 -8.48 -20.92 25.16
C GLY A 1022 -9.83 -21.39 24.64
N GLY A 1023 -9.89 -22.57 24.04
CA GLY A 1023 -11.16 -23.14 23.63
C GLY A 1023 -11.84 -23.93 24.72
N ASN A 1024 -12.26 -23.24 25.80
CA ASN A 1024 -13.31 -23.70 26.71
C ASN A 1024 -13.03 -25.00 27.46
N LYS A 1025 -12.25 -24.94 28.54
CA LYS A 1025 -11.79 -26.12 29.31
C LYS A 1025 -12.87 -27.00 29.97
N SER A 1026 -14.15 -26.72 29.77
CA SER A 1026 -15.23 -27.57 30.24
C SER A 1026 -15.18 -28.95 29.56
N PRO A 1027 -15.55 -30.02 30.28
CA PRO A 1027 -15.40 -31.37 29.71
C PRO A 1027 -16.34 -31.70 28.55
N VAL A 1028 -17.44 -30.96 28.39
CA VAL A 1028 -18.34 -31.18 27.25
C VAL A 1028 -17.64 -30.82 25.95
N THR A 1029 -16.85 -29.75 25.97
CA THR A 1029 -16.03 -29.36 24.82
C THR A 1029 -14.94 -30.37 24.56
N LEU A 1030 -14.39 -30.98 25.62
CA LEU A 1030 -13.39 -32.03 25.47
C LEU A 1030 -13.98 -33.26 24.79
N THR A 1031 -15.20 -33.66 25.19
CA THR A 1031 -15.87 -34.79 24.56
C THR A 1031 -16.20 -34.49 23.10
N ALA A 1032 -16.68 -33.29 22.81
CA ALA A 1032 -17.03 -32.93 21.44
C ALA A 1032 -15.80 -32.81 20.56
N TYR A 1033 -14.71 -32.25 21.08
CA TYR A 1033 -13.46 -32.15 20.34
C TYR A 1033 -12.85 -33.52 20.07
N ILE A 1034 -12.89 -34.42 21.06
CA ILE A 1034 -12.31 -35.74 20.85
C ILE A 1034 -13.21 -36.59 19.96
N VAL A 1035 -14.52 -36.32 19.93
CA VAL A 1035 -15.40 -37.05 19.03
C VAL A 1035 -15.20 -36.58 17.59
N THR A 1036 -15.08 -35.26 17.38
CA THR A 1036 -14.84 -34.76 16.02
C THR A 1036 -13.41 -35.02 15.55
N SER A 1037 -12.48 -35.29 16.46
CA SER A 1037 -11.15 -35.71 16.02
C SER A 1037 -11.10 -37.21 15.76
N LEU A 1038 -11.83 -38.01 16.56
CA LEU A 1038 -11.87 -39.46 16.38
C LEU A 1038 -12.80 -39.90 15.26
N LEU A 1039 -13.66 -39.02 14.78
CA LEU A 1039 -14.68 -39.40 13.80
C LEU A 1039 -14.17 -39.35 12.38
N GLY A 1040 -12.96 -38.88 12.16
CA GLY A 1040 -12.32 -39.06 10.87
C GLY A 1040 -11.66 -40.40 10.69
N TYR A 1041 -11.65 -41.24 11.73
CA TYR A 1041 -10.90 -42.49 11.72
C TYR A 1041 -11.62 -43.61 10.97
N ARG A 1042 -12.78 -43.34 10.37
CA ARG A 1042 -13.55 -44.36 9.66
C ARG A 1042 -12.97 -44.72 8.29
N LYS A 1043 -11.93 -44.01 7.86
CA LYS A 1043 -11.23 -44.34 6.61
C LYS A 1043 -10.55 -45.70 6.72
N TYR A 1044 -9.88 -45.96 7.84
CA TYR A 1044 -9.14 -47.22 7.99
C TYR A 1044 -10.07 -48.35 8.43
N GLN A 1045 -10.69 -48.22 9.59
CA GLN A 1045 -11.69 -49.19 10.02
C GLN A 1045 -12.96 -48.44 10.44
N PRO A 1046 -14.14 -48.96 10.12
CA PRO A 1046 -15.38 -48.22 10.40
C PRO A 1046 -16.09 -48.60 11.69
N ASN A 1047 -15.51 -49.48 12.52
CA ASN A 1047 -16.17 -49.91 13.75
C ASN A 1047 -15.61 -49.09 14.91
N ILE A 1048 -16.17 -47.90 15.07
CA ILE A 1048 -15.85 -46.99 16.16
C ILE A 1048 -17.11 -46.84 17.02
N ASP A 1049 -17.02 -47.24 18.28
CA ASP A 1049 -18.17 -47.22 19.18
C ASP A 1049 -18.08 -45.97 20.03
N VAL A 1050 -18.58 -44.86 19.50
CA VAL A 1050 -18.73 -43.63 20.27
C VAL A 1050 -20.21 -43.34 20.55
N GLN A 1051 -21.03 -44.41 20.56
CA GLN A 1051 -22.47 -44.26 20.72
C GLN A 1051 -22.85 -43.83 22.14
N GLU A 1052 -22.09 -44.27 23.15
CA GLU A 1052 -22.30 -43.76 24.50
C GLU A 1052 -21.88 -42.29 24.59
N SER A 1053 -20.82 -41.90 23.87
CA SER A 1053 -20.42 -40.50 23.83
C SER A 1053 -21.42 -39.66 23.05
N ILE A 1054 -21.99 -40.23 21.97
CA ILE A 1054 -23.00 -39.53 21.19
C ILE A 1054 -24.28 -39.36 21.98
N HIS A 1055 -24.64 -40.36 22.78
CA HIS A 1055 -25.78 -40.25 23.69
C HIS A 1055 -25.52 -39.22 24.79
N PHE A 1056 -24.27 -39.13 25.27
CA PHE A 1056 -23.91 -38.11 26.25
C PHE A 1056 -23.99 -36.71 25.66
N LEU A 1057 -23.56 -36.54 24.40
CA LEU A 1057 -23.63 -35.23 23.76
C LEU A 1057 -25.08 -34.85 23.44
N GLU A 1058 -25.90 -35.84 23.10
CA GLU A 1058 -27.33 -35.59 22.87
C GLU A 1058 -28.04 -35.23 24.17
N SER A 1059 -27.64 -35.86 25.28
CA SER A 1059 -28.18 -35.48 26.59
C SER A 1059 -27.74 -34.07 26.98
N GLU A 1060 -26.47 -33.73 26.73
CA GLU A 1060 -25.96 -32.38 27.01
C GLU A 1060 -26.64 -31.32 26.16
N PHE A 1061 -27.02 -31.67 24.93
CA PHE A 1061 -27.85 -30.78 24.13
C PHE A 1061 -29.27 -30.70 24.69
N SER A 1062 -29.76 -31.82 25.24
CA SER A 1062 -31.15 -31.89 25.69
C SER A 1062 -31.40 -31.14 27.00
N ARG A 1063 -30.40 -31.03 27.90
CA ARG A 1063 -30.61 -30.24 29.10
C ARG A 1063 -30.66 -28.74 28.80
N GLY A 1064 -30.06 -28.31 27.70
CA GLY A 1064 -30.07 -26.90 27.36
C GLY A 1064 -28.70 -26.28 27.52
N ILE A 1065 -28.17 -25.72 26.44
CA ILE A 1065 -26.83 -25.16 26.43
C ILE A 1065 -26.91 -23.63 26.38
N SER A 1066 -26.15 -22.98 27.24
CA SER A 1066 -25.94 -21.54 27.15
C SER A 1066 -24.70 -21.18 26.35
N ASP A 1067 -23.63 -21.97 26.47
CA ASP A 1067 -22.41 -21.64 25.77
C ASP A 1067 -22.46 -22.09 24.32
N ASN A 1068 -21.52 -21.58 23.54
CA ASN A 1068 -21.80 -21.18 22.17
C ASN A 1068 -20.85 -21.86 21.20
N TYR A 1069 -19.56 -21.82 21.56
CA TYR A 1069 -18.54 -22.72 21.01
C TYR A 1069 -18.86 -24.19 21.27
N THR A 1070 -19.34 -24.48 22.49
CA THR A 1070 -19.75 -25.82 22.85
C THR A 1070 -20.91 -26.28 21.99
N LEU A 1071 -21.86 -25.38 21.74
CA LEU A 1071 -23.04 -25.68 20.92
C LEU A 1071 -22.64 -25.94 19.47
N ALA A 1072 -21.69 -25.15 18.94
CA ALA A 1072 -21.19 -25.39 17.59
C ALA A 1072 -20.44 -26.72 17.49
N LEU A 1073 -19.71 -27.10 18.54
CA LEU A 1073 -19.00 -28.38 18.54
C LEU A 1073 -19.96 -29.57 18.64
N ILE A 1074 -21.02 -29.44 19.44
CA ILE A 1074 -22.07 -30.46 19.51
C ILE A 1074 -22.78 -30.60 18.17
N THR A 1075 -23.03 -29.45 17.50
CA THR A 1075 -23.66 -29.46 16.18
C THR A 1075 -22.79 -30.15 15.14
N TYR A 1076 -21.47 -29.90 15.18
CA TYR A 1076 -20.56 -30.54 14.24
C TYR A 1076 -20.46 -32.05 14.49
N ALA A 1077 -20.42 -32.46 15.78
CA ALA A 1077 -20.35 -33.88 16.10
C ALA A 1077 -21.63 -34.62 15.70
N LEU A 1078 -22.79 -34.02 15.97
CA LEU A 1078 -24.06 -34.66 15.64
C LEU A 1078 -24.33 -34.64 14.14
N SER A 1079 -23.81 -33.64 13.43
CA SER A 1079 -23.92 -33.66 11.97
C SER A 1079 -22.94 -34.65 11.36
N SER A 1080 -21.82 -34.91 12.04
CA SER A 1080 -20.86 -35.88 11.50
C SER A 1080 -21.34 -37.31 11.70
N VAL A 1081 -22.00 -37.60 12.82
CA VAL A 1081 -22.58 -38.95 12.96
C VAL A 1081 -23.92 -39.10 12.26
N GLY A 1082 -24.52 -38.01 11.79
CA GLY A 1082 -25.86 -38.07 11.23
C GLY A 1082 -26.93 -38.36 12.27
N SER A 1083 -26.82 -37.77 13.45
CA SER A 1083 -27.79 -37.95 14.50
C SER A 1083 -29.10 -37.22 14.15
N PRO A 1084 -30.25 -37.75 14.60
CA PRO A 1084 -31.52 -37.03 14.38
C PRO A 1084 -31.64 -35.73 15.17
N LYS A 1085 -30.83 -35.53 16.22
CA LYS A 1085 -30.85 -34.29 16.99
C LYS A 1085 -29.97 -33.21 16.39
N ALA A 1086 -29.31 -33.48 15.26
CA ALA A 1086 -28.44 -32.49 14.64
C ALA A 1086 -29.23 -31.37 13.98
N LYS A 1087 -30.40 -31.68 13.43
CA LYS A 1087 -31.20 -30.69 12.72
C LYS A 1087 -31.76 -29.64 13.67
N GLU A 1088 -32.23 -30.07 14.84
CA GLU A 1088 -32.74 -29.14 15.84
C GLU A 1088 -31.64 -28.25 16.41
N ALA A 1089 -30.45 -28.82 16.61
CA ALA A 1089 -29.31 -28.07 17.11
C ALA A 1089 -28.83 -27.04 16.09
N LEU A 1090 -28.80 -27.42 14.80
CA LEU A 1090 -28.40 -26.48 13.76
C LEU A 1090 -29.45 -25.40 13.54
N ASN A 1091 -30.74 -25.75 13.65
CA ASN A 1091 -31.81 -24.76 13.53
C ASN A 1091 -31.78 -23.76 14.67
N MET A 1092 -31.55 -24.22 15.90
CA MET A 1092 -31.52 -23.29 17.02
C MET A 1092 -30.22 -22.50 17.06
N LEU A 1093 -29.13 -23.05 16.50
CA LEU A 1093 -27.91 -22.26 16.33
C LEU A 1093 -28.09 -21.19 15.26
N THR A 1094 -28.85 -21.48 14.20
CA THR A 1094 -29.19 -20.46 13.22
C THR A 1094 -30.14 -19.41 13.80
N TRP A 1095 -31.01 -19.84 14.72
CA TRP A 1095 -31.87 -18.91 15.45
C TRP A 1095 -31.06 -17.99 16.36
N ARG A 1096 -29.97 -18.50 16.95
CA ARG A 1096 -29.11 -17.67 17.78
C ARG A 1096 -28.24 -16.70 17.00
N ALA A 1097 -28.15 -16.85 15.67
CA ALA A 1097 -27.22 -16.08 14.87
C ALA A 1097 -27.71 -14.65 14.64
N GLU A 1098 -26.77 -13.71 14.62
CA GLU A 1098 -27.06 -12.35 14.21
C GLU A 1098 -26.93 -12.23 12.69
N GLN A 1099 -27.97 -11.71 12.05
CA GLN A 1099 -28.02 -11.54 10.61
C GLN A 1099 -28.22 -10.08 10.27
N GLU A 1100 -27.31 -9.53 9.46
CA GLU A 1100 -27.44 -8.19 8.93
C GLU A 1100 -26.66 -8.08 7.62
N GLY A 1101 -27.30 -7.52 6.60
CA GLY A 1101 -26.64 -7.22 5.33
C GLY A 1101 -26.14 -8.42 4.56
N GLY A 1102 -26.90 -9.51 4.56
CA GLY A 1102 -26.40 -10.77 4.05
C GLY A 1102 -25.29 -11.35 4.89
N MET A 1103 -25.33 -11.11 6.20
CA MET A 1103 -24.28 -11.52 7.11
C MET A 1103 -24.90 -12.35 8.21
N GLN A 1104 -24.34 -13.54 8.46
CA GLN A 1104 -24.76 -14.36 9.58
C GLN A 1104 -23.52 -14.69 10.41
N PHE A 1105 -23.55 -14.35 11.68
CA PHE A 1105 -22.39 -14.57 12.54
C PHE A 1105 -22.84 -14.79 13.98
N TRP A 1106 -21.88 -15.11 14.83
CA TRP A 1106 -22.13 -15.24 16.26
C TRP A 1106 -21.09 -14.42 17.01
N VAL A 1107 -21.55 -13.53 17.88
CA VAL A 1107 -20.69 -12.65 18.67
C VAL A 1107 -20.72 -13.14 20.11
N SER A 1108 -19.55 -13.51 20.63
CA SER A 1108 -19.46 -13.92 22.03
C SER A 1108 -19.51 -12.70 22.94
N SER A 1109 -20.26 -12.83 24.04
CA SER A 1109 -20.42 -11.71 24.97
C SER A 1109 -19.15 -11.49 25.81
N GLU A 1110 -18.37 -12.53 26.02
CA GLU A 1110 -17.15 -12.41 26.82
C GLU A 1110 -16.02 -11.79 26.00
N SER A 1121 -11.54 -14.82 17.61
CA SER A 1121 -11.10 -16.15 17.21
C SER A 1121 -12.20 -17.18 17.41
N LEU A 1122 -12.90 -17.07 18.55
CA LEU A 1122 -13.98 -18.00 18.86
C LEU A 1122 -15.18 -17.78 17.96
N ASP A 1123 -15.40 -16.54 17.49
CA ASP A 1123 -16.45 -16.27 16.51
C ASP A 1123 -16.14 -16.93 15.16
N ILE A 1124 -14.86 -16.92 14.77
CA ILE A 1124 -14.44 -17.62 13.56
C ILE A 1124 -14.57 -19.14 13.75
N GLU A 1125 -14.32 -19.61 14.98
CA GLU A 1125 -14.47 -21.02 15.30
C GLU A 1125 -15.93 -21.49 15.19
N VAL A 1126 -16.86 -20.72 15.76
CA VAL A 1126 -18.27 -21.11 15.70
C VAL A 1126 -18.82 -20.94 14.29
N ALA A 1127 -18.32 -19.97 13.52
CA ALA A 1127 -18.79 -19.78 12.16
C ALA A 1127 -18.32 -20.91 11.25
N ALA A 1128 -17.06 -21.34 11.41
CA ALA A 1128 -16.56 -22.47 10.62
C ALA A 1128 -17.19 -23.79 11.05
N TYR A 1129 -17.48 -23.97 12.35
CA TYR A 1129 -18.10 -25.21 12.80
C TYR A 1129 -19.56 -25.31 12.35
N ALA A 1130 -20.30 -24.20 12.42
CA ALA A 1130 -21.67 -24.21 11.92
C ALA A 1130 -21.71 -24.28 10.40
N LEU A 1131 -20.67 -23.79 9.73
CA LEU A 1131 -20.55 -23.94 8.28
C LEU A 1131 -20.34 -25.39 7.89
N LEU A 1132 -19.47 -26.10 8.62
CA LEU A 1132 -19.29 -27.52 8.37
C LEU A 1132 -20.52 -28.33 8.75
N SER A 1133 -21.27 -27.86 9.75
CA SER A 1133 -22.55 -28.47 10.08
C SER A 1133 -23.57 -28.31 8.96
N HIS A 1134 -23.59 -27.13 8.33
CA HIS A 1134 -24.49 -26.90 7.20
C HIS A 1134 -24.06 -27.71 5.98
N PHE A 1135 -22.76 -27.91 5.81
CA PHE A 1135 -22.28 -28.73 4.70
C PHE A 1135 -22.60 -30.21 4.91
N LEU A 1136 -22.47 -30.70 6.14
CA LEU A 1136 -22.69 -32.12 6.39
C LEU A 1136 -24.16 -32.51 6.41
N GLN A 1137 -25.07 -31.55 6.59
CA GLN A 1137 -26.50 -31.81 6.56
C GLN A 1137 -27.14 -31.43 5.24
N PHE A 1138 -26.32 -31.20 4.20
CA PHE A 1138 -26.72 -30.84 2.83
C PHE A 1138 -27.52 -29.52 2.77
N GLN A 1139 -27.29 -28.64 3.73
CA GLN A 1139 -27.86 -27.30 3.71
C GLN A 1139 -26.81 -26.30 3.20
N THR A 1140 -26.43 -26.50 1.94
CA THR A 1140 -25.33 -25.72 1.37
C THR A 1140 -25.75 -24.29 1.06
N SER A 1141 -27.02 -24.10 0.67
CA SER A 1141 -27.51 -22.76 0.33
C SER A 1141 -27.69 -21.86 1.54
N GLU A 1142 -27.76 -22.41 2.74
CA GLU A 1142 -27.88 -21.63 3.95
C GLU A 1142 -26.54 -21.25 4.57
N GLY A 1143 -25.44 -21.86 4.11
CA GLY A 1143 -24.14 -21.53 4.66
C GLY A 1143 -23.47 -20.36 4.00
N ILE A 1144 -24.11 -19.79 2.97
CA ILE A 1144 -23.57 -18.69 2.18
C ILE A 1144 -23.37 -17.38 2.98
N PRO A 1145 -24.32 -16.89 3.87
CA PRO A 1145 -23.98 -15.71 4.67
C PRO A 1145 -22.83 -15.90 5.65
N ILE A 1146 -22.71 -17.10 6.22
CA ILE A 1146 -21.60 -17.48 7.09
C ILE A 1146 -20.31 -17.49 6.27
N MET A 1147 -20.42 -17.94 5.02
CA MET A 1147 -19.26 -18.00 4.14
C MET A 1147 -18.80 -16.60 3.74
N ARG A 1148 -19.74 -15.67 3.57
CA ARG A 1148 -19.38 -14.28 3.34
C ARG A 1148 -18.77 -13.64 4.57
N TRP A 1149 -19.22 -14.05 5.77
CA TRP A 1149 -18.58 -13.58 7.00
C TRP A 1149 -17.15 -14.10 7.13
N LEU A 1150 -16.92 -15.35 6.73
CA LEU A 1150 -15.56 -15.88 6.65
C LEU A 1150 -14.71 -15.15 5.61
N SER A 1151 -15.33 -14.76 4.50
CA SER A 1151 -14.61 -14.01 3.47
C SER A 1151 -14.27 -12.60 3.92
N ARG A 1152 -15.14 -11.99 4.73
CA ARG A 1152 -14.93 -10.61 5.17
C ARG A 1152 -14.07 -10.51 6.43
N GLN A 1153 -13.97 -11.57 7.23
CA GLN A 1153 -13.18 -11.55 8.45
C GLN A 1153 -11.69 -11.86 8.21
N ARG A 1154 -11.20 -11.70 6.98
CA ARG A 1154 -9.82 -12.00 6.66
C ARG A 1154 -9.20 -11.02 5.69
N ASN A 1155 -9.91 -9.97 5.26
CA ASN A 1155 -9.40 -9.09 4.21
C ASN A 1155 -8.31 -8.15 4.72
N SER A 1156 -8.51 -7.57 5.91
CA SER A 1156 -7.60 -6.53 6.39
C SER A 1156 -6.32 -7.08 7.00
N LEU A 1157 -6.27 -8.37 7.31
CA LEU A 1157 -5.09 -8.95 7.96
C LEU A 1157 -4.48 -10.11 7.19
N GLY A 1158 -4.76 -10.23 5.89
CA GLY A 1158 -4.10 -11.22 5.07
C GLY A 1158 -4.74 -12.59 5.10
N GLY A 1159 -4.16 -13.50 5.87
CA GLY A 1159 -4.74 -14.82 6.04
C GLY A 1159 -5.78 -14.84 7.12
N PHE A 1160 -5.71 -15.82 8.02
CA PHE A 1160 -6.61 -15.89 9.17
C PHE A 1160 -5.81 -15.67 10.44
N ALA A 1161 -6.46 -15.02 11.41
CA ALA A 1161 -5.81 -14.73 12.69
C ALA A 1161 -5.63 -16.00 13.52
N SER A 1162 -4.53 -16.03 14.27
CA SER A 1162 -4.06 -17.12 15.16
C SER A 1162 -3.90 -18.40 14.35
N THR A 1163 -4.04 -19.56 15.00
CA THR A 1163 -3.93 -20.86 14.35
C THR A 1163 -5.17 -21.72 14.50
N GLN A 1164 -5.82 -21.68 15.68
CA GLN A 1164 -6.86 -22.65 16.00
C GLN A 1164 -8.14 -22.39 15.21
N ASP A 1165 -8.48 -21.13 14.97
CA ASP A 1165 -9.60 -20.82 14.09
C ASP A 1165 -9.18 -20.78 12.63
N THR A 1166 -7.88 -20.56 12.36
CA THR A 1166 -7.33 -20.62 11.02
C THR A 1166 -7.51 -22.00 10.41
N THR A 1167 -7.27 -23.04 11.22
CA THR A 1167 -7.39 -24.43 10.76
C THR A 1167 -8.84 -24.78 10.40
N VAL A 1168 -9.78 -24.46 11.28
CA VAL A 1168 -11.18 -24.81 11.03
C VAL A 1168 -11.79 -23.95 9.94
N ALA A 1169 -11.36 -22.68 9.83
CA ALA A 1169 -11.84 -21.81 8.75
C ALA A 1169 -11.36 -22.27 7.39
N LEU A 1170 -10.08 -22.65 7.27
CA LEU A 1170 -9.61 -23.17 6.00
C LEU A 1170 -10.13 -24.57 5.72
N LYS A 1171 -10.47 -25.34 6.77
CA LYS A 1171 -11.12 -26.63 6.58
C LYS A 1171 -12.51 -26.46 5.97
N ALA A 1172 -13.28 -25.50 6.48
CA ALA A 1172 -14.62 -25.25 5.94
C ALA A 1172 -14.55 -24.65 4.54
N LEU A 1173 -13.57 -23.78 4.29
CA LEU A 1173 -13.43 -23.19 2.96
C LEU A 1173 -12.95 -24.20 1.93
N SER A 1174 -12.12 -25.17 2.33
CA SER A 1174 -11.75 -26.25 1.43
C SER A 1174 -12.88 -27.27 1.27
N GLU A 1175 -13.72 -27.42 2.29
CA GLU A 1175 -14.85 -28.33 2.18
C GLU A 1175 -15.93 -27.77 1.27
N PHE A 1176 -16.03 -26.43 1.16
CA PHE A 1176 -16.91 -25.86 0.14
C PHE A 1176 -16.36 -26.10 -1.25
N ALA A 1177 -15.06 -25.94 -1.43
CA ALA A 1177 -14.45 -26.09 -2.76
C ALA A 1177 -14.39 -27.54 -3.21
N ALA A 1178 -14.38 -28.49 -2.28
CA ALA A 1178 -14.43 -29.89 -2.65
C ALA A 1178 -15.81 -30.32 -3.12
N LEU A 1179 -16.86 -29.66 -2.62
CA LEU A 1179 -18.21 -29.99 -3.03
C LEU A 1179 -18.51 -29.48 -4.43
N MET A 1180 -17.93 -28.33 -4.81
CA MET A 1180 -18.19 -27.72 -6.10
C MET A 1180 -16.90 -27.62 -6.91
N ASN A 1181 -16.16 -28.72 -6.99
CA ASN A 1181 -14.82 -28.76 -7.58
C ASN A 1181 -14.82 -28.86 -9.11
N THR A 1182 -15.94 -28.60 -9.78
CA THR A 1182 -15.98 -28.69 -11.23
C THR A 1182 -15.29 -27.47 -11.85
N GLU A 1183 -14.26 -27.74 -12.66
CA GLU A 1183 -13.44 -26.68 -13.24
C GLU A 1183 -14.07 -26.02 -14.46
N ARG A 1184 -15.14 -26.60 -15.01
CA ARG A 1184 -15.82 -26.04 -16.16
C ARG A 1184 -17.05 -25.28 -15.70
N THR A 1185 -17.21 -24.05 -16.17
CA THR A 1185 -18.36 -23.22 -15.84
C THR A 1185 -18.92 -22.62 -17.11
N ASN A 1186 -20.21 -22.82 -17.36
CA ASN A 1186 -20.89 -22.23 -18.50
C ASN A 1186 -22.31 -21.80 -18.12
N ILE A 1187 -22.45 -21.16 -16.97
CA ILE A 1187 -23.77 -20.93 -16.37
C ILE A 1187 -24.40 -19.68 -16.95
N GLN A 1188 -25.62 -19.80 -17.47
CA GLN A 1188 -26.45 -18.66 -17.81
C GLN A 1188 -27.54 -18.53 -16.76
N VAL A 1189 -27.60 -17.37 -16.12
CA VAL A 1189 -28.59 -17.08 -15.08
C VAL A 1189 -29.61 -16.12 -15.70
N THR A 1190 -30.88 -16.51 -15.67
CA THR A 1190 -31.98 -15.71 -16.19
C THR A 1190 -32.88 -15.30 -15.03
N VAL A 1191 -33.09 -14.00 -14.88
CA VAL A 1191 -33.90 -13.45 -13.80
C VAL A 1191 -35.16 -12.88 -14.44
N THR A 1192 -36.29 -13.50 -14.14
CA THR A 1192 -37.62 -13.06 -14.59
C THR A 1192 -38.47 -12.73 -13.37
N GLY A 1193 -39.72 -12.34 -13.63
CA GLY A 1193 -40.66 -12.09 -12.58
C GLY A 1193 -41.45 -10.81 -12.77
N PRO A 1194 -42.30 -10.47 -11.79
CA PRO A 1194 -43.03 -9.20 -11.88
C PRO A 1194 -42.16 -7.98 -11.68
N SER A 1195 -41.01 -8.12 -11.00
CA SER A 1195 -40.13 -6.97 -10.79
C SER A 1195 -39.22 -6.70 -11.98
N SER A 1196 -39.21 -7.57 -12.98
CA SER A 1196 -38.37 -7.38 -14.17
C SER A 1196 -39.22 -7.58 -15.41
N PRO A 1197 -39.53 -6.53 -16.16
CA PRO A 1197 -40.28 -6.71 -17.42
C PRO A 1197 -39.44 -7.36 -18.52
N SER A 1198 -38.12 -7.24 -18.46
CA SER A 1198 -37.20 -7.92 -19.33
C SER A 1198 -36.37 -8.91 -18.52
N PRO A 1199 -36.09 -10.10 -19.05
CA PRO A 1199 -35.29 -11.07 -18.30
C PRO A 1199 -33.83 -10.67 -18.29
N VAL A 1200 -33.25 -10.59 -17.09
CA VAL A 1200 -31.86 -10.18 -16.92
C VAL A 1200 -30.97 -11.42 -17.01
N LYS A 1201 -29.99 -11.38 -17.90
CA LYS A 1201 -29.13 -12.52 -18.15
C LYS A 1201 -27.71 -12.24 -17.68
N PHE A 1202 -27.18 -13.13 -16.84
CA PHE A 1202 -25.79 -13.14 -16.44
C PHE A 1202 -25.10 -14.35 -17.04
N LEU A 1203 -23.91 -14.15 -17.61
CA LEU A 1203 -23.11 -15.23 -18.16
C LEU A 1203 -21.89 -15.41 -17.30
N ILE A 1204 -21.69 -16.62 -16.77
CA ILE A 1204 -20.59 -16.93 -15.89
C ILE A 1204 -19.78 -18.07 -16.51
N ASP A 1205 -18.55 -17.78 -16.87
CA ASP A 1205 -17.58 -18.78 -17.32
C ASP A 1205 -16.40 -18.77 -16.36
N THR A 1206 -15.33 -19.47 -16.75
CA THR A 1206 -14.17 -19.63 -15.88
C THR A 1206 -13.33 -18.36 -15.75
N HIS A 1207 -13.53 -17.38 -16.64
CA HIS A 1207 -12.76 -16.15 -16.56
C HIS A 1207 -13.40 -15.13 -15.62
N ASN A 1208 -14.72 -14.96 -15.67
CA ASN A 1208 -15.43 -14.02 -14.81
C ASN A 1208 -16.10 -14.73 -13.63
N ARG A 1209 -15.45 -15.77 -13.10
CA ARG A 1209 -16.02 -16.52 -11.99
C ARG A 1209 -16.00 -15.74 -10.68
N LEU A 1210 -15.10 -14.78 -10.55
CA LEU A 1210 -15.04 -13.94 -9.35
C LEU A 1210 -15.76 -12.62 -9.52
N LEU A 1211 -16.31 -12.35 -10.71
CA LEU A 1211 -16.95 -11.07 -10.98
C LEU A 1211 -18.31 -11.01 -10.30
N LEU A 1212 -18.50 -10.01 -9.45
CA LEU A 1212 -19.78 -9.76 -8.81
C LEU A 1212 -20.61 -8.94 -9.79
N GLN A 1213 -21.33 -9.63 -10.68
CA GLN A 1213 -22.18 -8.95 -11.64
C GLN A 1213 -23.44 -8.45 -10.93
N THR A 1214 -23.90 -7.27 -11.31
CA THR A 1214 -25.02 -6.63 -10.62
C THR A 1214 -26.03 -6.11 -11.62
N ALA A 1215 -27.28 -6.03 -11.18
CA ALA A 1215 -28.34 -5.48 -12.00
C ALA A 1215 -29.38 -4.84 -11.11
N GLU A 1216 -30.03 -3.79 -11.62
CA GLU A 1216 -31.04 -3.05 -10.89
C GLU A 1216 -32.42 -3.38 -11.44
N LEU A 1217 -33.38 -3.57 -10.54
CA LEU A 1217 -34.73 -3.96 -10.91
C LEU A 1217 -35.71 -2.87 -10.50
N ALA A 1218 -36.91 -2.96 -11.08
CA ALA A 1218 -37.97 -2.01 -10.74
C ALA A 1218 -38.56 -2.34 -9.38
N VAL A 1219 -39.21 -1.35 -8.78
CA VAL A 1219 -39.82 -1.48 -7.46
C VAL A 1219 -41.27 -1.91 -7.67
N VAL A 1220 -41.55 -3.20 -7.47
CA VAL A 1220 -42.89 -3.76 -7.51
C VAL A 1220 -43.16 -4.38 -6.15
N GLN A 1221 -44.33 -4.08 -5.58
CA GLN A 1221 -44.71 -4.64 -4.29
C GLN A 1221 -45.61 -5.84 -4.49
N PRO A 1222 -45.27 -7.03 -3.95
CA PRO A 1222 -44.01 -7.39 -3.27
C PRO A 1222 -42.94 -7.80 -4.27
N THR A 1223 -41.67 -7.65 -3.92
CA THR A 1223 -40.59 -7.89 -4.87
C THR A 1223 -40.28 -9.37 -4.94
N ALA A 1224 -40.63 -10.01 -6.04
CA ALA A 1224 -40.41 -11.45 -6.23
C ALA A 1224 -39.75 -11.67 -7.58
N VAL A 1225 -38.69 -12.47 -7.59
CA VAL A 1225 -37.98 -12.82 -8.81
C VAL A 1225 -37.87 -14.33 -8.91
N ASN A 1226 -37.78 -14.81 -10.15
CA ASN A 1226 -37.48 -16.22 -10.43
C ASN A 1226 -36.12 -16.29 -11.11
N ILE A 1227 -35.20 -17.03 -10.52
CA ILE A 1227 -33.82 -17.16 -10.98
C ILE A 1227 -33.65 -18.57 -11.53
N SER A 1228 -33.35 -18.68 -12.82
CA SER A 1228 -33.17 -19.96 -13.48
C SER A 1228 -31.75 -20.05 -14.00
N ALA A 1229 -31.01 -21.05 -13.54
CA ALA A 1229 -29.64 -21.27 -13.97
C ALA A 1229 -29.60 -22.45 -14.93
N ASN A 1230 -28.94 -22.27 -16.06
CA ASN A 1230 -28.79 -23.30 -17.07
C ASN A 1230 -27.31 -23.46 -17.39
N GLY A 1231 -26.81 -24.68 -17.28
CA GLY A 1231 -25.42 -24.94 -17.61
C GLY A 1231 -24.71 -25.92 -16.71
N PHE A 1232 -23.50 -25.57 -16.28
CA PHE A 1232 -22.66 -26.46 -15.48
C PHE A 1232 -21.82 -25.61 -14.54
N GLY A 1233 -21.74 -26.04 -13.28
CA GLY A 1233 -20.96 -25.34 -12.27
C GLY A 1233 -21.80 -25.03 -11.04
N PHE A 1234 -21.52 -23.87 -10.45
CA PHE A 1234 -22.35 -23.38 -9.35
C PHE A 1234 -22.38 -21.86 -9.41
N ALA A 1235 -23.47 -21.27 -8.94
CA ALA A 1235 -23.63 -19.83 -8.94
C ALA A 1235 -24.29 -19.39 -7.65
N ILE A 1236 -24.07 -18.14 -7.28
CA ILE A 1236 -24.65 -17.55 -6.07
C ILE A 1236 -25.33 -16.26 -6.45
N CYS A 1237 -26.63 -16.17 -6.20
CA CYS A 1237 -27.41 -14.98 -6.52
C CYS A 1237 -27.94 -14.36 -5.24
N GLN A 1238 -27.67 -13.07 -5.07
CA GLN A 1238 -28.00 -12.35 -3.84
C GLN A 1238 -28.92 -11.20 -4.19
N LEU A 1239 -30.09 -11.18 -3.57
CA LEU A 1239 -31.05 -10.10 -3.74
C LEU A 1239 -30.89 -9.13 -2.58
N ASN A 1240 -30.60 -7.88 -2.90
CA ASN A 1240 -30.40 -6.82 -1.91
C ASN A 1240 -31.53 -5.80 -2.04
N VAL A 1241 -32.13 -5.44 -0.92
CA VAL A 1241 -33.20 -4.47 -0.87
C VAL A 1241 -32.84 -3.42 0.16
N VAL A 1242 -32.77 -2.15 -0.25
CA VAL A 1242 -32.48 -1.05 0.65
C VAL A 1242 -33.71 -0.15 0.69
N TYR A 1243 -34.26 0.06 1.89
CA TYR A 1243 -35.48 0.84 2.04
C TYR A 1243 -35.38 1.72 3.28
N ASN A 1244 -36.05 2.86 3.23
CA ASN A 1244 -36.09 3.79 4.36
C ASN A 1244 -37.44 3.70 5.05
N VAL A 1245 -37.40 3.59 6.38
CA VAL A 1245 -38.61 3.56 7.17
C VAL A 1245 -38.78 4.90 7.88
N LYS A 1246 -39.96 5.13 8.42
CA LYS A 1246 -40.26 6.38 9.12
C LYS A 1246 -39.83 6.30 10.58
C1 NAG B . 7.30 39.06 15.70
C2 NAG B . 8.55 39.89 15.38
C3 NAG B . 8.72 41.00 16.43
C4 NAG B . 7.45 41.84 16.60
C5 NAG B . 6.24 40.92 16.83
C6 NAG B . 4.93 41.66 16.82
C7 NAG B . 10.22 38.56 14.18
C8 NAG B . 11.45 37.71 14.30
N2 NAG B . 9.73 39.05 15.32
O3 NAG B . 9.81 41.83 16.05
O4 NAG B . 7.61 42.70 17.71
O5 NAG B . 6.16 39.93 15.80
O6 NAG B . 4.75 42.44 18.00
O7 NAG B . 9.69 38.79 13.10
C1 NAG B . 7.69 44.08 17.30
C2 NAG B . 7.52 44.96 18.55
C3 NAG B . 7.64 46.44 18.18
C4 NAG B . 8.94 46.71 17.43
C5 NAG B . 9.08 45.77 16.23
C6 NAG B . 10.41 45.89 15.54
C7 NAG B . 6.09 44.07 20.38
C8 NAG B . 7.35 43.61 21.07
N2 NAG B . 6.24 44.69 19.20
O3 NAG B . 7.57 47.23 19.36
O4 NAG B . 8.98 48.06 16.98
O5 NAG B . 8.95 44.40 16.66
O6 NAG B . 11.48 45.53 16.42
O7 NAG B . 4.98 43.88 20.87
C1 NAG C . -23.57 -16.67 20.92
C2 NAG C . -23.64 -15.82 22.21
C3 NAG C . -24.91 -14.98 22.22
C4 NAG C . -25.00 -14.13 20.97
C5 NAG C . -24.84 -15.00 19.70
C6 NAG C . -24.82 -14.15 18.46
C7 NAG C . -22.64 -16.44 24.36
C8 NAG C . -22.71 -17.37 25.55
N2 NAG C . -23.56 -16.63 23.41
O3 NAG C . -24.90 -14.14 23.37
O4 NAG C . -26.26 -13.48 20.93
O5 NAG C . -23.62 -15.77 19.74
O6 NAG C . -25.48 -14.80 17.38
O7 NAG C . -21.79 -15.57 24.28
C1 NAG C . -26.17 -12.05 20.89
C2 NAG C . -27.44 -11.52 20.21
C3 NAG C . -27.46 -9.98 20.18
C4 NAG C . -26.96 -9.30 21.45
C5 NAG C . -25.81 -10.05 22.14
C6 NAG C . -25.33 -9.32 23.37
C7 NAG C . -28.22 -13.15 18.54
C8 NAG C . -28.11 -13.61 17.12
N2 NAG C . -27.55 -12.02 18.85
O3 NAG C . -28.75 -9.55 19.70
O4 NAG C . -26.71 -7.91 21.25
O5 NAG C . -26.05 -11.47 22.19
O6 NAG C . -26.38 -9.33 24.32
O7 NAG C . -28.90 -13.75 19.36
C1 NAG D . -7.93 25.88 24.41
C2 NAG D . -8.83 24.88 23.69
C3 NAG D . -10.29 25.23 23.99
C4 NAG D . -10.52 25.22 25.48
C5 NAG D . -9.55 26.19 26.14
C6 NAG D . -9.64 26.18 27.65
C7 NAG D . -8.23 23.69 21.66
C8 NAG D . -8.52 23.57 20.20
N2 NAG D . -8.65 24.81 22.25
O3 NAG D . -11.13 24.29 23.33
O4 NAG D . -11.85 25.64 25.75
O5 NAG D . -8.19 25.85 25.80
O6 NAG D . -8.73 27.11 28.23
O7 NAG D . -7.67 22.80 22.29
C1 NAG D . -12.79 24.70 26.17
C2 NAG D . -14.16 25.36 26.28
C3 NAG D . -15.19 24.29 26.64
C4 NAG D . -15.16 23.16 25.62
C5 NAG D . -13.75 22.59 25.54
C6 NAG D . -13.60 21.55 24.46
C7 NAG D . -13.48 27.53 27.29
C8 NAG D . -13.34 28.18 28.63
N2 NAG D . -14.25 26.43 27.25
O3 NAG D . -16.48 24.89 26.71
O4 NAG D . -16.05 22.14 26.03
O5 NAG D . -12.82 23.64 25.23
O6 NAG D . -13.88 22.11 23.19
O7 NAG D . -12.92 27.97 26.28
C1 NAG E . -42.13 -17.75 -11.03
C2 NAG E . -43.02 -17.93 -12.26
C3 NAG E . -44.43 -18.30 -11.82
C4 NAG E . -44.39 -19.55 -10.96
C5 NAG E . -43.45 -19.32 -9.77
C6 NAG E . -43.26 -20.56 -8.92
C7 NAG E . -42.74 -15.54 -12.99
C8 NAG E . -42.25 -14.83 -14.22
N2 NAG E . -43.12 -16.81 -13.17
O3 NAG E . -45.18 -18.49 -13.01
O4 NAG E . -45.67 -19.90 -10.45
O5 NAG E . -42.14 -18.94 -10.24
O6 NAG E . -42.61 -21.58 -9.67
O7 NAG E . -42.83 -14.96 -11.90
C1 NAG E . -46.75 -20.29 -11.24
C2 NAG E . -46.57 -21.63 -11.97
C3 NAG E . -47.82 -21.92 -12.78
C4 NAG E . -49.05 -21.92 -11.87
C5 NAG E . -49.13 -20.58 -11.15
C6 NAG E . -50.26 -20.53 -10.14
C7 NAG E . -44.36 -22.42 -12.70
C8 NAG E . -44.50 -23.54 -11.71
N2 NAG E . -45.45 -21.67 -12.89
O3 NAG E . -47.67 -23.18 -13.44
O4 NAG E . -50.22 -22.09 -12.66
O5 NAG E . -47.91 -20.33 -10.42
O6 NAG E . -51.52 -20.75 -10.77
O7 NAG E . -43.30 -22.20 -13.28
C1 NAG F . 21.17 -6.74 -21.62
C2 NAG F . 20.67 -5.30 -21.59
C3 NAG F . 19.92 -4.96 -22.88
C4 NAG F . 20.79 -5.26 -24.10
C5 NAG F . 21.26 -6.71 -24.06
C6 NAG F . 22.21 -7.05 -25.19
C7 NAG F . 20.17 -4.35 -19.38
C8 NAG F . 19.16 -4.22 -18.28
N2 NAG F . 19.80 -5.07 -20.44
O3 NAG F . 19.56 -3.58 -22.87
O4 NAG F . 20.04 -5.04 -25.30
O5 NAG F . 21.96 -6.95 -22.83
O6 NAG F . 22.84 -5.89 -25.72
O7 NAG F . 21.28 -3.83 -19.31
C1 NAG G . 36.21 -21.99 -3.90
C2 NAG G . 36.73 -20.99 -2.84
C3 NAG G . 37.65 -21.69 -1.82
C4 NAG G . 36.99 -22.94 -1.25
C5 NAG G . 36.56 -23.86 -2.38
C6 NAG G . 35.83 -25.09 -1.89
C7 NAG G . 38.48 -19.74 -4.18
C8 NAG G . 38.88 -18.38 -4.62
N2 NAG G . 37.36 -19.80 -3.42
O3 NAG G . 37.96 -20.78 -0.77
O4 NAG G . 37.91 -23.63 -0.40
O5 NAG G . 35.64 -23.15 -3.25
O6 NAG G . 35.08 -24.82 -0.71
O7 NAG G . 39.12 -20.75 -4.52
C1 NAG H . 4.25 40.15 8.00
C2 NAG H . 3.73 41.45 7.39
C3 NAG H . 4.44 41.75 6.08
C4 NAG H . 5.95 41.73 6.24
C5 NAG H . 6.40 40.42 6.88
C6 NAG H . 7.88 40.39 7.21
C7 NAG H . 1.43 42.12 7.93
C8 NAG H . -0.02 41.94 7.60
N2 NAG H . 2.30 41.40 7.20
O3 NAG H . 4.02 43.01 5.58
O4 NAG H . 6.59 41.88 4.98
O5 NAG H . 5.70 40.21 8.12
O6 NAG H . 8.37 41.69 7.47
O7 NAG H . 1.81 42.88 8.82
C1 NAG I . -10.84 20.10 10.72
C2 NAG I . -10.04 18.79 10.79
C3 NAG I . -10.96 17.60 10.49
C4 NAG I . -12.17 17.60 11.42
C5 NAG I . -12.89 18.95 11.35
C6 NAG I . -14.02 19.08 12.34
C7 NAG I . -7.67 19.10 10.22
C8 NAG I . -6.64 19.08 9.13
N2 NAG I . -8.93 18.81 9.85
O3 NAG I . -10.23 16.39 10.66
O4 NAG I . -13.07 16.57 11.05
O5 NAG I . -11.97 20.03 11.63
O6 NAG I . -13.53 19.01 13.68
O7 NAG I . -7.38 19.37 11.38
C1 NAG J . 45.73 17.61 5.17
C2 NAG J . 46.72 17.30 4.04
C3 NAG J . 48.00 18.11 4.22
C4 NAG J . 47.70 19.60 4.35
C5 NAG J . 46.69 19.83 5.48
C6 NAG J . 46.24 21.27 5.58
C7 NAG J . 46.42 15.04 3.13
C8 NAG J . 46.85 13.61 3.20
N2 NAG J . 47.02 15.87 3.98
O3 NAG J . 48.87 17.88 3.11
O4 NAG J . 48.89 20.31 4.65
O5 NAG J . 45.50 19.04 5.24
O6 NAG J . 45.75 21.75 4.34
O7 NAG J . 45.57 15.42 2.33
C1 NAG K . 40.56 29.40 20.77
C2 NAG K . 42.04 29.16 21.08
C3 NAG K . 42.25 29.04 22.60
C4 NAG K . 41.67 30.25 23.33
C5 NAG K . 40.21 30.45 22.94
C6 NAG K . 39.62 31.72 23.52
C7 NAG K . 43.25 28.03 19.28
C8 NAG K . 43.68 26.71 18.71
N2 NAG K . 42.54 27.98 20.41
O3 NAG K . 43.64 28.93 22.88
O4 NAG K . 41.77 30.07 24.73
O5 NAG K . 40.08 30.56 21.51
O6 NAG K . 40.24 32.88 22.99
O7 NAG K . 43.52 29.10 18.73
C1 NAG L . 50.60 5.74 -15.07
C2 NAG L . 51.34 5.02 -16.22
C3 NAG L . 52.79 4.75 -15.82
C4 NAG L . 53.49 6.03 -15.37
C5 NAG L . 52.69 6.70 -14.26
C6 NAG L . 53.25 8.04 -13.85
C7 NAG L . 49.92 3.67 -17.69
C8 NAG L . 49.30 2.33 -17.92
N2 NAG L . 50.66 3.79 -16.59
O3 NAG L . 53.49 4.19 -16.93
O4 NAG L . 54.80 5.72 -14.90
O5 NAG L . 51.35 6.94 -14.69
O6 NAG L . 53.48 8.88 -14.98
O7 NAG L . 49.76 4.60 -18.47
#